data_6AS7
#
_entry.id   6AS7
#
_cell.length_a   151.807
_cell.length_b   151.807
_cell.length_c   113.299
_cell.angle_alpha   90.000
_cell.angle_beta   90.000
_cell.angle_gamma   90.000
#
_symmetry.space_group_name_H-M   'P 42 21 2'
#
loop_
_entity.id
_entity.type
_entity.pdbx_description
1 polymer 'DNA polymerase alpha catalytic subunit'
2 polymer "DNA (5'-D(*GP*CP*CP*TP*GP*GP*AP*GP*CP*GP*C)-3')"
3 polymer "DNA (5'-D(*AP*GP*GP*CP*GP*CP*TP*CP*CP*AP*GP*GP*C)-3')"
4 non-polymer "2'-DEOXYCYTIDINE-5'-TRIPHOSPHATE"
5 non-polymer 'MAGNESIUM ION'
6 non-polymer 'COBALT (II) ION'
7 water water
#
loop_
_entity_poly.entity_id
_entity_poly.type
_entity_poly.pdbx_seq_one_letter_code
_entity_poly.pdbx_strand_id
1 'polypeptide(L)'
;DEEQVFHFYWLDAYEDQYNQPGVVFLFGKVWIESAETHVSCCVMVKNIERTLYFLPREMKIDLNTGKETGTPISMKDVYE
EFDEKIATKYKIMKFKSKPVEKNYAFEIPDVPEKSEYLEVKYSAEMPQLPQDLKGETFSHVFGTNTSSLELFLMNRKIKG
PCWLEVKSPQLLNQPVSWCKAEAMALKPDLVNVIKDVSPPPLVVMAFSMKTMQNAKNHQNEIIAMAALVHHSFALDKAAP
KPPFQSHFCVVSKPKDCIFPYAFKEVIEKKNVKVEVAATERTLLGFFLAKVHKIDPDIIVGHNIYGFELEVLLQRINVCK
APHWSKIGRLKRSNMPKLGGRSGFGERNATCGRMICDVEISAKELIRCKSYHLSELVQQILKTERVVIPMENIQNMYSES
SQLLYLLEHTWKDAKFILQIMCELNVLPLALQITNIAGNIMSRTLMGGRSERNEFLLLHAFYENNYIVPDKQIFRKPQQK
LGDEDEEIDGDTNKYKKGRKKAAYAGGLVLDPKVGFYDKFILLLDFNSLYPSIIQEFNICFTTVQRVASEAQKVTEDGEQ
EQIPELPDPSLEMGILPREIRKLVERRKQVKQLMKQQDLNPDLILQYDIRQKALKLTANSMYGCLGFSYSRFYAKPLAAL
VTYKGREILMHTKEMVQKMNLEVIYGDTDSIMINTNSTNLEEVFKLGNKVKSEVNKLYKLLEIDIDGVFKSLLLLKKKKY
AALVVEPTSDGNYVTKQELKGLDIVRRDWCDLAKDTGNFVIGQILSDQSRDTIVENIQKRLIEIGENVLNGSVPVSQFEI
NKALTKDPQDYPDKKSLPHVHVALWINSQGGRKVKAGDTVSYVICQDGSNLTASQRAYAPEQLQKQDNLTIDTQYYLAQQ
IHPVVARICEPIDGIDAVLIATWLGLDPTQFRVHHYHKDEEN
;
A
2 'polydeoxyribonucleotide' (DG)(DC)(DC)(DT)(DG)(DG)(DA)(DG)(DC)(DG)(DC) B
3 'polydeoxyribonucleotide' (DA)(DG)(DG)(DC)(DG)(DC)(DT)(DC)(DC)(DA)(DG)(DG)(DC) C
#
loop_
_chem_comp.id
_chem_comp.type
_chem_comp.name
_chem_comp.formula
CO non-polymer 'COBALT (II) ION' 'Co 2'
DA DNA linking 2'-DEOXYADENOSINE-5'-MONOPHOSPHATE 'C10 H14 N5 O6 P'
DC DNA linking 2'-DEOXYCYTIDINE-5'-MONOPHOSPHATE 'C9 H14 N3 O7 P'
DCP non-polymer 2'-DEOXYCYTIDINE-5'-TRIPHOSPHATE 'C9 H16 N3 O13 P3'
DG DNA linking 2'-DEOXYGUANOSINE-5'-MONOPHOSPHATE 'C10 H14 N5 O7 P'
DT DNA linking THYMIDINE-5'-MONOPHOSPHATE 'C10 H15 N2 O8 P'
MG non-polymer 'MAGNESIUM ION' 'Mg 2'
#
# COMPACT_ATOMS: atom_id res chain seq x y z
N GLU A 3 -44.16 -7.03 6.11
CA GLU A 3 -43.40 -6.37 5.01
C GLU A 3 -42.99 -7.27 3.84
N GLN A 4 -41.68 -7.47 3.72
CA GLN A 4 -41.04 -8.25 2.66
C GLN A 4 -39.61 -7.73 2.66
N VAL A 5 -38.68 -8.54 3.13
CA VAL A 5 -37.29 -8.13 3.20
C VAL A 5 -36.33 -9.22 2.72
N PHE A 6 -35.18 -8.81 2.19
CA PHE A 6 -34.21 -9.81 1.76
C PHE A 6 -32.78 -9.44 2.18
N HIS A 7 -31.94 -10.45 2.39
CA HIS A 7 -30.57 -10.23 2.81
C HIS A 7 -29.52 -10.40 1.73
N PHE A 8 -28.53 -9.52 1.77
CA PHE A 8 -27.48 -9.53 0.79
C PHE A 8 -26.19 -8.99 1.39
N TYR A 9 -25.09 -9.67 1.07
CA TYR A 9 -23.76 -9.31 1.53
C TYR A 9 -23.13 -8.55 0.38
N TRP A 10 -22.78 -7.29 0.57
CA TRP A 10 -22.19 -6.57 -0.54
C TRP A 10 -20.68 -6.63 -0.50
N LEU A 11 -20.04 -6.23 -1.60
CA LEU A 11 -18.57 -6.28 -1.72
C LEU A 11 -18.04 -5.09 -2.50
N ASP A 12 -18.84 -4.58 -3.43
CA ASP A 12 -18.40 -3.45 -4.21
C ASP A 12 -19.63 -2.58 -4.41
N ALA A 13 -19.38 -1.26 -4.34
CA ALA A 13 -20.40 -0.25 -4.52
C ALA A 13 -19.93 0.63 -5.67
N TYR A 14 -20.83 0.97 -6.59
CA TYR A 14 -20.49 1.78 -7.75
C TYR A 14 -21.50 2.89 -8.02
N GLU A 15 -21.08 3.96 -8.69
CA GLU A 15 -21.99 5.03 -9.01
C GLU A 15 -21.50 5.74 -10.25
N ASP A 16 -22.39 6.53 -10.86
CA ASP A 16 -22.11 7.27 -12.10
C ASP A 16 -22.80 8.62 -11.99
N GLN A 17 -22.32 9.40 -11.04
CA GLN A 17 -22.83 10.74 -10.74
C GLN A 17 -23.21 11.61 -11.93
N TYR A 18 -22.94 11.12 -13.13
CA TYR A 18 -23.24 11.89 -14.32
C TYR A 18 -24.44 11.38 -15.11
N ASN A 19 -24.56 10.06 -15.26
CA ASN A 19 -25.67 9.50 -16.01
C ASN A 19 -26.86 9.12 -15.15
N GLN A 20 -26.61 8.84 -13.88
CA GLN A 20 -27.69 8.47 -12.98
C GLN A 20 -27.44 9.00 -11.59
N PRO A 21 -27.41 10.32 -11.44
CA PRO A 21 -27.17 10.84 -10.09
C PRO A 21 -28.18 10.24 -9.13
N GLY A 22 -27.88 10.29 -7.84
CA GLY A 22 -28.79 9.75 -6.84
C GLY A 22 -28.80 8.25 -6.62
N VAL A 23 -28.38 7.49 -7.63
CA VAL A 23 -28.36 6.03 -7.52
C VAL A 23 -26.97 5.50 -7.20
N VAL A 24 -26.95 4.40 -6.44
CA VAL A 24 -25.74 3.74 -6.03
C VAL A 24 -25.97 2.24 -6.26
N PHE A 25 -25.08 1.58 -7.01
CA PHE A 25 -25.25 0.14 -7.24
C PHE A 25 -24.36 -0.65 -6.28
N LEU A 26 -24.89 -1.71 -5.70
CA LEU A 26 -24.11 -2.52 -4.78
C LEU A 26 -24.09 -3.97 -5.27
N PHE A 27 -22.90 -4.54 -5.43
CA PHE A 27 -22.80 -5.90 -5.88
C PHE A 27 -22.27 -6.73 -4.73
N GLY A 28 -22.85 -7.92 -4.54
CA GLY A 28 -22.46 -8.80 -3.45
C GLY A 28 -22.95 -10.24 -3.66
N LYS A 29 -23.37 -10.91 -2.61
CA LYS A 29 -23.79 -12.31 -2.74
C LYS A 29 -25.10 -12.61 -2.01
N VAL A 30 -25.81 -13.67 -2.42
CA VAL A 30 -27.09 -13.99 -1.79
C VAL A 30 -27.36 -15.48 -1.78
N TRP A 31 -27.84 -15.97 -0.65
CA TRP A 31 -28.08 -17.38 -0.58
C TRP A 31 -29.31 -17.79 -1.37
N ILE A 32 -29.18 -18.90 -2.08
CA ILE A 32 -30.29 -19.43 -2.85
C ILE A 32 -30.52 -20.82 -2.28
N GLU A 33 -31.35 -20.95 -1.25
CA GLU A 33 -31.58 -22.26 -0.65
C GLU A 33 -31.88 -23.35 -1.66
N SER A 34 -32.63 -23.01 -2.70
CA SER A 34 -32.95 -24.00 -3.71
C SER A 34 -31.71 -24.48 -4.50
N ALA A 35 -30.68 -23.65 -4.57
CA ALA A 35 -29.44 -24.00 -5.28
C ALA A 35 -28.25 -24.21 -4.33
N GLU A 36 -28.53 -24.46 -3.05
CA GLU A 36 -27.49 -24.68 -2.05
C GLU A 36 -26.20 -23.88 -2.32
N THR A 37 -26.32 -22.60 -2.69
CA THR A 37 -25.12 -21.82 -2.98
C THR A 37 -25.32 -20.30 -3.08
N HIS A 38 -24.27 -19.53 -2.82
CA HIS A 38 -24.39 -18.08 -2.95
C HIS A 38 -24.23 -17.74 -4.41
N VAL A 39 -24.98 -16.76 -4.87
CA VAL A 39 -24.87 -16.33 -6.26
C VAL A 39 -24.51 -14.87 -6.17
N SER A 40 -24.06 -14.29 -7.28
CA SER A 40 -23.75 -12.88 -7.25
C SER A 40 -25.08 -12.17 -7.09
N CYS A 41 -25.05 -10.86 -6.83
CA CYS A 41 -26.28 -10.11 -6.64
C CYS A 41 -26.05 -8.62 -6.74
N CYS A 42 -26.94 -7.93 -7.43
CA CYS A 42 -26.83 -6.49 -7.57
C CYS A 42 -28.07 -5.83 -6.99
N VAL A 43 -27.86 -4.79 -6.19
CA VAL A 43 -28.95 -4.06 -5.57
C VAL A 43 -28.84 -2.62 -6.03
N MET A 44 -29.97 -2.06 -6.45
CA MET A 44 -29.99 -0.70 -6.94
C MET A 44 -30.65 0.22 -5.91
N VAL A 45 -29.92 1.23 -5.45
CA VAL A 45 -30.45 2.14 -4.45
C VAL A 45 -30.75 3.50 -5.03
N LYS A 46 -32.04 3.82 -5.10
CA LYS A 46 -32.46 5.11 -5.65
C LYS A 46 -32.82 6.17 -4.63
N ASN A 47 -32.93 7.39 -5.12
CA ASN A 47 -33.34 8.50 -4.28
C ASN A 47 -32.35 8.94 -3.18
N ILE A 48 -31.05 8.85 -3.44
CA ILE A 48 -30.11 9.32 -2.44
C ILE A 48 -30.02 10.82 -2.68
N GLU A 49 -30.77 11.61 -1.90
CA GLU A 49 -30.81 13.08 -2.06
C GLU A 49 -29.61 13.91 -1.59
N ARG A 50 -29.32 15.00 -2.30
CA ARG A 50 -28.22 15.88 -1.90
C ARG A 50 -28.55 16.30 -0.46
N THR A 51 -27.57 16.78 0.29
CA THR A 51 -27.82 17.19 1.66
C THR A 51 -26.94 18.38 1.97
N LEU A 52 -27.55 19.55 2.09
CA LEU A 52 -26.77 20.75 2.32
C LEU A 52 -27.12 21.45 3.61
N TYR A 53 -26.11 22.07 4.21
CA TYR A 53 -26.30 22.81 5.44
C TYR A 53 -25.99 24.28 5.20
N PHE A 54 -26.93 25.12 5.58
CA PHE A 54 -26.75 26.55 5.42
C PHE A 54 -26.43 27.17 6.79
N LEU A 55 -25.34 27.92 6.86
CA LEU A 55 -24.89 28.57 8.09
C LEU A 55 -25.47 29.98 8.28
N PRO A 56 -26.46 30.12 9.17
CA PRO A 56 -27.12 31.40 9.47
C PRO A 56 -26.13 32.48 9.86
N ARG A 57 -26.49 33.72 9.58
CA ARG A 57 -25.67 34.88 9.90
C ARG A 57 -26.15 35.44 11.24
N GLU A 58 -25.31 36.21 11.92
CA GLU A 58 -25.71 36.77 13.20
C GLU A 58 -26.76 37.84 12.91
N MET A 59 -26.43 38.73 11.98
CA MET A 59 -27.33 39.82 11.59
C MET A 59 -27.56 39.77 10.09
N LYS A 60 -28.73 40.19 9.63
CA LYS A 60 -28.98 40.17 8.19
C LYS A 60 -28.07 41.19 7.49
N ILE A 61 -27.77 40.92 6.23
CA ILE A 61 -26.91 41.81 5.43
C ILE A 61 -27.57 42.10 4.10
N ASP A 62 -27.17 43.21 3.48
CA ASP A 62 -27.67 43.60 2.16
C ASP A 62 -26.46 43.73 1.24
N LEU A 63 -26.47 42.95 0.16
CA LEU A 63 -25.36 42.91 -0.79
C LEU A 63 -25.03 44.14 -1.64
N ASN A 64 -26.06 44.88 -2.09
CA ASN A 64 -25.85 46.07 -2.91
C ASN A 64 -25.07 47.16 -2.16
N THR A 65 -24.97 47.00 -0.84
CA THR A 65 -24.28 47.97 0.01
C THR A 65 -23.09 47.34 0.73
N GLY A 66 -23.26 46.08 1.14
CA GLY A 66 -22.20 45.39 1.85
C GLY A 66 -22.16 45.84 3.30
N LYS A 67 -23.31 46.21 3.83
CA LYS A 67 -23.38 46.67 5.21
C LYS A 67 -24.51 45.94 5.90
N GLU A 68 -24.66 46.18 7.20
CA GLU A 68 -25.71 45.55 7.98
C GLU A 68 -27.07 46.23 7.82
N THR A 69 -28.11 45.57 8.33
CA THR A 69 -29.46 46.12 8.27
C THR A 69 -29.94 46.38 9.69
N GLY A 70 -29.91 45.36 10.54
CA GLY A 70 -30.35 45.56 11.91
C GLY A 70 -31.26 44.48 12.44
N THR A 71 -31.91 43.74 11.54
CA THR A 71 -32.79 42.66 11.97
C THR A 71 -32.02 41.35 12.10
N PRO A 72 -32.04 40.73 13.30
CA PRO A 72 -31.33 39.48 13.52
C PRO A 72 -31.85 38.40 12.56
N ILE A 73 -31.27 37.21 12.61
CA ILE A 73 -31.73 36.15 11.72
C ILE A 73 -32.39 35.05 12.52
N SER A 74 -33.15 34.20 11.82
CA SER A 74 -33.86 33.10 12.46
C SER A 74 -33.94 32.01 11.41
N MET A 75 -34.29 30.80 11.82
CA MET A 75 -34.39 29.74 10.84
C MET A 75 -35.45 30.10 9.81
N LYS A 76 -36.44 30.87 10.22
CA LYS A 76 -37.50 31.28 9.30
C LYS A 76 -36.86 32.12 8.19
N ASP A 77 -36.05 33.10 8.59
CA ASP A 77 -35.38 33.98 7.63
C ASP A 77 -34.71 33.20 6.53
N VAL A 78 -33.67 32.46 6.90
CA VAL A 78 -32.90 31.65 5.98
C VAL A 78 -33.83 30.79 5.11
N TYR A 79 -34.66 29.98 5.77
CA TYR A 79 -35.60 29.12 5.06
C TYR A 79 -36.21 29.87 3.91
N GLU A 80 -36.67 31.07 4.24
CA GLU A 80 -37.33 31.92 3.28
C GLU A 80 -36.42 32.36 2.14
N GLU A 81 -35.30 33.00 2.48
CA GLU A 81 -34.39 33.46 1.44
C GLU A 81 -34.11 32.38 0.40
N PHE A 82 -33.95 31.14 0.86
CA PHE A 82 -33.67 30.03 -0.05
C PHE A 82 -34.94 29.75 -0.84
N ASP A 83 -36.00 29.52 -0.08
CA ASP A 83 -37.33 29.23 -0.61
C ASP A 83 -37.67 30.22 -1.71
N GLU A 84 -37.45 31.49 -1.41
CA GLU A 84 -37.73 32.63 -2.28
C GLU A 84 -36.73 32.93 -3.42
N LYS A 85 -35.51 33.31 -3.08
CA LYS A 85 -34.50 33.66 -4.10
C LYS A 85 -33.63 32.49 -4.58
N ILE A 86 -33.01 31.79 -3.63
CA ILE A 86 -32.11 30.68 -3.92
C ILE A 86 -32.73 29.46 -4.63
N ALA A 87 -33.72 28.83 -3.99
CA ALA A 87 -34.38 27.66 -4.58
C ALA A 87 -34.86 27.99 -6.00
N THR A 88 -35.68 29.03 -6.09
CA THR A 88 -36.28 29.51 -7.33
C THR A 88 -35.28 29.84 -8.43
N LYS A 89 -34.20 30.54 -8.05
CA LYS A 89 -33.16 30.95 -8.98
C LYS A 89 -32.27 29.83 -9.54
N TYR A 90 -32.03 28.78 -8.77
CA TYR A 90 -31.19 27.70 -9.27
C TYR A 90 -31.97 26.54 -9.84
N LYS A 91 -33.29 26.74 -9.94
CA LYS A 91 -34.20 25.76 -10.49
C LYS A 91 -34.48 24.56 -9.59
N ILE A 92 -34.78 24.84 -8.33
CA ILE A 92 -35.08 23.76 -7.40
C ILE A 92 -36.59 23.70 -7.20
N MET A 93 -37.17 22.62 -7.72
CA MET A 93 -38.60 22.39 -7.65
C MET A 93 -38.98 21.97 -6.24
N LYS A 94 -38.85 20.68 -5.98
CA LYS A 94 -39.16 20.13 -4.66
C LYS A 94 -37.93 20.14 -3.76
N PHE A 95 -38.15 20.34 -2.48
CA PHE A 95 -37.06 20.34 -1.51
C PHE A 95 -37.64 20.29 -0.12
N LYS A 96 -36.97 19.59 0.79
CA LYS A 96 -37.46 19.55 2.15
C LYS A 96 -36.36 20.15 3.04
N SER A 97 -36.77 20.82 4.12
CA SER A 97 -35.78 21.40 5.01
C SER A 97 -36.14 21.18 6.47
N LYS A 98 -35.30 21.66 7.37
CA LYS A 98 -35.50 21.45 8.79
C LYS A 98 -34.35 22.09 9.57
N PRO A 99 -34.65 22.66 10.73
CA PRO A 99 -33.49 23.23 11.42
C PRO A 99 -32.78 22.14 12.25
N VAL A 100 -31.45 22.03 12.09
CA VAL A 100 -30.67 21.04 12.84
C VAL A 100 -29.56 21.74 13.58
N GLU A 101 -28.86 20.99 14.44
CA GLU A 101 -27.74 21.54 15.20
C GLU A 101 -26.52 20.70 14.82
N LYS A 102 -25.43 21.35 14.41
CA LYS A 102 -24.24 20.61 13.99
C LYS A 102 -22.96 21.15 14.59
N ASN A 103 -21.99 20.26 14.77
CA ASN A 103 -20.69 20.68 15.30
C ASN A 103 -19.71 20.75 14.12
N TYR A 104 -18.65 21.54 14.29
CA TYR A 104 -17.64 21.72 13.25
C TYR A 104 -16.35 22.05 13.98
N ALA A 105 -15.23 21.69 13.40
CA ALA A 105 -13.93 21.95 14.01
C ALA A 105 -12.94 21.91 12.87
N PHE A 106 -13.09 22.79 11.89
CA PHE A 106 -12.19 22.71 10.77
C PHE A 106 -11.69 24.00 10.13
N GLU A 107 -10.77 23.82 9.18
CA GLU A 107 -10.09 24.89 8.47
C GLU A 107 -10.84 26.17 8.12
N ILE A 108 -12.15 26.09 7.96
CA ILE A 108 -12.93 27.25 7.58
C ILE A 108 -13.22 28.20 8.75
N PRO A 109 -12.46 29.30 8.85
CA PRO A 109 -12.64 30.28 9.92
C PRO A 109 -13.97 30.99 9.78
N ASP A 110 -14.48 31.53 10.89
CA ASP A 110 -15.76 32.21 10.88
C ASP A 110 -16.90 31.21 10.93
N VAL A 111 -16.64 30.05 11.54
CA VAL A 111 -17.64 29.00 11.73
C VAL A 111 -17.60 28.63 13.20
N PRO A 112 -18.75 28.66 13.88
CA PRO A 112 -18.82 28.33 15.30
C PRO A 112 -18.69 26.84 15.56
N GLU A 113 -18.01 26.50 16.65
CA GLU A 113 -17.78 25.10 17.01
C GLU A 113 -19.09 24.32 17.03
N LYS A 114 -20.17 25.04 17.30
CA LYS A 114 -21.49 24.42 17.34
C LYS A 114 -22.45 25.50 16.91
N SER A 115 -23.57 25.10 16.32
CA SER A 115 -24.58 26.08 15.90
C SER A 115 -25.77 25.45 15.21
N GLU A 116 -26.68 26.29 14.76
CA GLU A 116 -27.89 25.84 14.09
C GLU A 116 -27.83 26.13 12.60
N TYR A 117 -27.98 25.09 11.79
CA TYR A 117 -27.97 25.22 10.34
C TYR A 117 -29.37 24.87 9.84
N LEU A 118 -29.63 25.19 8.58
CA LEU A 118 -30.89 24.83 7.96
C LEU A 118 -30.60 23.69 6.99
N GLU A 119 -30.87 22.45 7.40
CA GLU A 119 -30.61 21.28 6.54
C GLU A 119 -31.49 21.37 5.30
N VAL A 120 -30.97 21.00 4.14
CA VAL A 120 -31.75 21.06 2.93
C VAL A 120 -31.53 19.83 2.06
N LYS A 121 -32.60 19.15 1.69
CA LYS A 121 -32.47 17.97 0.86
C LYS A 121 -33.34 18.06 -0.40
N TYR A 122 -32.72 17.75 -1.53
CA TYR A 122 -33.42 17.74 -2.82
C TYR A 122 -32.77 16.74 -3.78
N SER A 123 -33.53 16.30 -4.78
CA SER A 123 -33.04 15.32 -5.74
C SER A 123 -31.66 15.58 -6.29
N ALA A 124 -30.92 14.51 -6.49
CA ALA A 124 -29.57 14.56 -7.03
C ALA A 124 -29.64 14.98 -8.49
N GLU A 125 -30.84 14.88 -9.06
CA GLU A 125 -31.10 15.24 -10.45
C GLU A 125 -31.18 16.75 -10.67
N MET A 126 -31.68 17.47 -9.68
CA MET A 126 -31.79 18.90 -9.80
C MET A 126 -30.40 19.50 -9.80
N PRO A 127 -30.29 20.80 -10.15
CA PRO A 127 -28.99 21.48 -10.16
C PRO A 127 -28.29 21.41 -8.82
N GLN A 128 -26.97 21.55 -8.87
CA GLN A 128 -26.12 21.52 -7.69
C GLN A 128 -25.54 22.92 -7.48
N LEU A 129 -25.75 23.50 -6.30
CA LEU A 129 -25.26 24.85 -6.00
C LEU A 129 -23.76 25.10 -6.00
N PRO A 130 -23.36 26.39 -6.04
CA PRO A 130 -21.97 26.87 -6.03
C PRO A 130 -21.45 26.77 -4.62
N GLN A 131 -20.34 26.06 -4.45
CA GLN A 131 -19.74 25.87 -3.13
C GLN A 131 -19.49 27.16 -2.32
N ASP A 132 -19.36 28.29 -3.01
CA ASP A 132 -19.09 29.55 -2.33
C ASP A 132 -20.31 30.45 -2.15
N LEU A 133 -21.48 29.93 -2.51
CA LEU A 133 -22.72 30.71 -2.37
C LEU A 133 -22.77 31.46 -1.04
N LYS A 134 -23.48 32.57 -1.03
CA LYS A 134 -23.67 33.39 0.16
C LYS A 134 -24.98 34.15 0.01
N GLY A 135 -25.56 34.59 1.12
CA GLY A 135 -26.81 35.29 1.01
C GLY A 135 -27.14 36.30 2.09
N GLU A 136 -28.38 36.77 2.05
CA GLU A 136 -28.91 37.75 2.98
C GLU A 136 -28.98 37.16 4.38
N THR A 137 -29.25 35.86 4.46
CA THR A 137 -29.38 35.20 5.74
C THR A 137 -28.28 34.19 6.07
N PHE A 138 -27.48 33.77 5.10
CA PHE A 138 -26.44 32.80 5.41
C PHE A 138 -25.05 33.13 4.87
N SER A 139 -24.04 32.84 5.69
CA SER A 139 -22.65 33.10 5.36
C SER A 139 -21.88 31.96 4.68
N HIS A 140 -22.38 30.73 4.79
CA HIS A 140 -21.72 29.58 4.16
C HIS A 140 -22.68 28.39 4.01
N VAL A 141 -22.27 27.41 3.22
CA VAL A 141 -23.12 26.26 2.99
C VAL A 141 -22.30 24.99 2.62
N PHE A 142 -22.41 23.96 3.45
CA PHE A 142 -21.67 22.70 3.22
C PHE A 142 -22.49 21.60 2.57
N GLY A 143 -21.79 20.57 2.10
CA GLY A 143 -22.43 19.42 1.47
C GLY A 143 -22.73 19.63 0.01
N THR A 144 -22.60 20.90 -0.41
CA THR A 144 -22.87 21.35 -1.76
C THR A 144 -22.37 20.48 -2.88
N ASN A 145 -21.52 19.51 -2.58
CA ASN A 145 -20.95 18.64 -3.62
C ASN A 145 -20.74 17.22 -3.15
N THR A 146 -21.21 16.92 -1.94
CA THR A 146 -21.06 15.59 -1.36
C THR A 146 -21.52 14.49 -2.31
N SER A 147 -20.65 13.52 -2.54
CA SER A 147 -20.98 12.43 -3.45
C SER A 147 -22.17 11.61 -2.96
N SER A 148 -22.85 10.96 -3.89
CA SER A 148 -24.00 10.14 -3.55
C SER A 148 -23.57 8.87 -2.81
N LEU A 149 -22.45 8.31 -3.21
CA LEU A 149 -21.91 7.11 -2.57
C LEU A 149 -21.33 7.44 -1.18
N GLU A 150 -20.98 8.71 -0.96
CA GLU A 150 -20.46 9.12 0.36
C GLU A 150 -21.62 9.20 1.32
N LEU A 151 -22.61 9.98 0.91
CA LEU A 151 -23.82 10.19 1.68
C LEU A 151 -24.39 8.85 2.06
N PHE A 152 -24.69 8.03 1.09
CA PHE A 152 -25.24 6.73 1.40
C PHE A 152 -24.45 5.94 2.47
N LEU A 153 -23.14 5.81 2.28
CA LEU A 153 -22.29 5.05 3.20
C LEU A 153 -22.22 5.62 4.60
N MET A 154 -22.15 6.93 4.68
CA MET A 154 -22.09 7.56 5.97
C MET A 154 -23.39 7.40 6.78
N ASN A 155 -24.51 7.81 6.18
CA ASN A 155 -25.84 7.78 6.80
C ASN A 155 -26.31 6.42 7.25
N ARG A 156 -26.01 5.39 6.46
CA ARG A 156 -26.48 4.05 6.84
C ARG A 156 -25.52 3.35 7.77
N LYS A 157 -24.42 4.02 8.10
CA LYS A 157 -23.44 3.45 8.99
C LYS A 157 -23.00 2.10 8.43
N ILE A 158 -22.48 2.14 7.20
CA ILE A 158 -21.98 0.93 6.55
C ILE A 158 -20.46 1.07 6.57
N LYS A 159 -19.80 -0.01 6.95
CA LYS A 159 -18.36 0.03 7.05
C LYS A 159 -17.73 -1.16 6.38
N GLY A 160 -17.56 -1.05 5.07
CA GLY A 160 -16.96 -2.15 4.31
C GLY A 160 -17.81 -3.41 4.29
N PRO A 161 -17.49 -4.36 3.40
CA PRO A 161 -18.25 -5.62 3.28
C PRO A 161 -19.01 -6.00 4.54
N CYS A 162 -20.27 -6.39 4.36
CA CYS A 162 -21.13 -6.76 5.48
C CYS A 162 -22.53 -7.04 4.95
N TRP A 163 -23.31 -7.76 5.76
CA TRP A 163 -24.67 -8.10 5.39
C TRP A 163 -25.61 -6.89 5.54
N LEU A 164 -26.44 -6.70 4.53
CA LEU A 164 -27.39 -5.60 4.55
C LEU A 164 -28.78 -6.19 4.49
N GLU A 165 -29.78 -5.44 4.93
CA GLU A 165 -31.16 -5.89 4.86
C GLU A 165 -31.86 -4.89 3.99
N VAL A 166 -32.51 -5.38 2.92
CA VAL A 166 -33.23 -4.48 2.04
C VAL A 166 -34.70 -4.72 2.30
N LYS A 167 -35.33 -3.71 2.91
CA LYS A 167 -36.74 -3.73 3.27
C LYS A 167 -37.56 -3.31 2.05
N SER A 168 -38.64 -4.03 1.81
CA SER A 168 -39.48 -3.72 0.67
C SER A 168 -38.61 -3.53 -0.59
N PRO A 169 -38.18 -4.66 -1.16
CA PRO A 169 -37.35 -4.70 -2.36
C PRO A 169 -38.25 -4.65 -3.57
N GLN A 170 -37.72 -4.20 -4.70
CA GLN A 170 -38.53 -4.18 -5.90
C GLN A 170 -37.84 -5.00 -6.97
N LEU A 171 -38.61 -5.69 -7.81
CA LEU A 171 -38.01 -6.43 -8.90
C LEU A 171 -37.70 -5.39 -9.97
N LEU A 172 -37.12 -5.85 -11.08
CA LEU A 172 -36.81 -4.97 -12.18
C LEU A 172 -37.12 -5.79 -13.43
N ASN A 173 -37.87 -5.21 -14.37
CA ASN A 173 -38.22 -5.92 -15.60
C ASN A 173 -36.95 -6.02 -16.43
N GLN A 174 -36.37 -4.87 -16.75
CA GLN A 174 -35.14 -4.82 -17.52
C GLN A 174 -33.89 -5.05 -16.64
N PRO A 175 -33.19 -6.18 -16.82
CA PRO A 175 -31.99 -6.43 -15.99
C PRO A 175 -30.92 -5.40 -16.30
N VAL A 176 -30.25 -4.87 -15.27
CA VAL A 176 -29.19 -3.86 -15.47
C VAL A 176 -27.76 -4.35 -15.24
N SER A 177 -27.59 -5.52 -14.62
CA SER A 177 -26.25 -6.06 -14.35
C SER A 177 -26.10 -7.41 -15.05
N TRP A 178 -25.08 -8.17 -14.66
CA TRP A 178 -24.83 -9.50 -15.23
C TRP A 178 -24.85 -10.50 -14.07
N CYS A 179 -25.38 -10.05 -12.96
CA CYS A 179 -25.41 -10.85 -11.75
C CYS A 179 -26.63 -11.72 -11.71
N LYS A 180 -26.50 -12.94 -11.20
CA LYS A 180 -27.65 -13.82 -11.13
C LYS A 180 -28.87 -13.09 -10.61
N ALA A 181 -28.76 -12.43 -9.45
CA ALA A 181 -29.91 -11.72 -8.86
C ALA A 181 -29.85 -10.19 -8.89
N GLU A 182 -31.02 -9.57 -8.93
CA GLU A 182 -31.12 -8.11 -8.97
C GLU A 182 -32.38 -7.65 -8.23
N ALA A 183 -32.25 -6.53 -7.51
CA ALA A 183 -33.37 -5.97 -6.77
C ALA A 183 -33.19 -4.46 -6.75
N MET A 184 -34.15 -3.75 -6.18
CA MET A 184 -34.06 -2.30 -6.12
C MET A 184 -34.56 -1.77 -4.79
N ALA A 185 -33.88 -0.76 -4.29
CA ALA A 185 -34.22 -0.16 -3.04
C ALA A 185 -34.81 1.18 -3.36
N LEU A 186 -35.99 1.40 -2.81
CA LEU A 186 -36.74 2.61 -3.03
C LEU A 186 -36.06 3.78 -2.38
N LYS A 187 -35.49 3.58 -1.21
CA LYS A 187 -34.79 4.71 -0.60
C LYS A 187 -33.68 4.31 0.38
N PRO A 188 -32.61 5.12 0.47
CA PRO A 188 -31.50 4.84 1.37
C PRO A 188 -31.89 4.24 2.71
N ASP A 189 -32.99 4.65 3.30
CA ASP A 189 -33.32 4.06 4.60
C ASP A 189 -34.09 2.73 4.65
N LEU A 190 -34.12 2.01 3.55
CA LEU A 190 -34.79 0.73 3.55
C LEU A 190 -33.64 -0.27 3.69
N VAL A 191 -32.42 0.28 3.61
CA VAL A 191 -31.15 -0.46 3.68
C VAL A 191 -30.55 -0.43 5.10
N ASN A 192 -30.43 -1.60 5.73
CA ASN A 192 -29.91 -1.69 7.10
C ASN A 192 -28.83 -2.72 7.38
N VAL A 193 -27.76 -2.28 8.02
CA VAL A 193 -26.66 -3.17 8.36
C VAL A 193 -27.09 -4.13 9.45
N ILE A 194 -26.67 -5.38 9.34
CA ILE A 194 -26.93 -6.40 10.35
C ILE A 194 -25.55 -6.92 10.66
N LYS A 195 -25.33 -7.40 11.89
CA LYS A 195 -24.00 -7.82 12.26
C LYS A 195 -23.79 -9.25 12.76
N ASP A 196 -24.80 -9.86 13.35
CA ASP A 196 -24.62 -11.21 13.85
C ASP A 196 -24.57 -12.32 12.80
N VAL A 197 -24.10 -12.00 11.58
CA VAL A 197 -24.04 -13.00 10.50
C VAL A 197 -22.64 -13.21 9.89
N SER A 198 -22.16 -14.46 9.94
CA SER A 198 -20.83 -14.81 9.40
C SER A 198 -20.68 -14.41 7.95
N PRO A 199 -19.47 -14.03 7.53
CA PRO A 199 -19.44 -13.66 6.11
C PRO A 199 -19.60 -14.89 5.23
N PRO A 200 -19.91 -14.68 3.93
CA PRO A 200 -20.13 -15.70 2.90
C PRO A 200 -18.86 -16.01 2.14
N PRO A 201 -18.64 -17.29 1.79
CA PRO A 201 -17.41 -17.57 1.04
C PRO A 201 -17.42 -16.76 -0.25
N LEU A 202 -16.34 -16.84 -1.01
CA LEU A 202 -16.28 -16.11 -2.28
C LEU A 202 -15.91 -17.01 -3.45
N VAL A 203 -16.21 -16.55 -4.64
CA VAL A 203 -15.90 -17.30 -5.83
C VAL A 203 -14.73 -16.53 -6.43
N VAL A 204 -13.56 -17.15 -6.34
CA VAL A 204 -12.35 -16.50 -6.82
C VAL A 204 -11.76 -17.23 -8.03
N MET A 205 -11.39 -16.42 -9.02
CA MET A 205 -10.82 -16.88 -10.27
C MET A 205 -9.43 -16.26 -10.46
N ALA A 206 -8.47 -17.16 -10.67
CA ALA A 206 -7.06 -16.83 -10.85
C ALA A 206 -6.73 -17.01 -12.32
N PHE A 207 -6.33 -15.92 -12.95
CA PHE A 207 -6.01 -15.97 -14.36
C PHE A 207 -4.63 -15.40 -14.67
N SER A 208 -4.15 -15.81 -15.84
CA SER A 208 -2.86 -15.42 -16.40
C SER A 208 -3.10 -15.39 -17.91
N MET A 209 -2.27 -14.62 -18.61
CA MET A 209 -2.37 -14.49 -20.07
C MET A 209 -1.01 -14.32 -20.73
N LYS A 210 -0.96 -14.66 -22.02
CA LYS A 210 0.25 -14.52 -22.83
C LYS A 210 -0.07 -13.61 -24.01
N THR A 211 0.87 -12.74 -24.33
CA THR A 211 0.72 -11.81 -25.43
C THR A 211 1.88 -11.94 -26.42
N MET A 212 1.56 -11.80 -27.71
CA MET A 212 2.54 -11.92 -28.79
C MET A 212 2.48 -10.69 -29.71
N GLN A 213 3.63 -10.11 -30.05
CA GLN A 213 3.70 -8.95 -30.94
C GLN A 213 3.59 -9.54 -32.36
N ASN A 214 2.81 -8.91 -33.23
CA ASN A 214 2.63 -9.43 -34.58
C ASN A 214 3.81 -9.14 -35.53
N ALA A 215 4.08 -10.10 -36.43
CA ALA A 215 5.17 -10.04 -37.41
C ALA A 215 5.28 -8.72 -38.18
N LYS A 216 4.19 -8.30 -38.81
CA LYS A 216 4.17 -7.05 -39.58
C LYS A 216 3.64 -5.88 -38.74
N ASN A 217 2.31 -5.75 -38.65
CA ASN A 217 1.69 -4.66 -37.89
C ASN A 217 2.01 -4.70 -36.39
N HIS A 218 2.27 -3.53 -35.82
CA HIS A 218 2.59 -3.43 -34.40
C HIS A 218 1.33 -3.68 -33.57
N GLN A 219 1.35 -4.74 -32.76
CA GLN A 219 0.20 -5.05 -31.91
C GLN A 219 0.49 -6.08 -30.83
N ASN A 220 -0.39 -6.16 -29.84
CA ASN A 220 -0.23 -7.11 -28.76
C ASN A 220 -1.41 -8.09 -28.73
N GLU A 221 -1.25 -9.22 -29.43
CA GLU A 221 -2.30 -10.24 -29.50
C GLU A 221 -2.21 -11.28 -28.41
N ILE A 222 -3.31 -11.45 -27.69
CA ILE A 222 -3.39 -12.42 -26.61
C ILE A 222 -3.63 -13.76 -27.26
N ILE A 223 -2.71 -14.70 -27.16
CA ILE A 223 -2.97 -15.97 -27.81
C ILE A 223 -3.32 -17.12 -26.87
N ALA A 224 -3.25 -16.86 -25.55
CA ALA A 224 -3.55 -17.88 -24.53
C ALA A 224 -4.03 -17.26 -23.20
N MET A 225 -4.76 -18.07 -22.42
CA MET A 225 -5.27 -17.64 -21.12
C MET A 225 -5.68 -18.76 -20.17
N ALA A 226 -5.09 -18.73 -18.98
CA ALA A 226 -5.37 -19.74 -17.97
C ALA A 226 -6.05 -19.15 -16.73
N ALA A 227 -6.86 -19.98 -16.09
CA ALA A 227 -7.56 -19.55 -14.91
C ALA A 227 -7.92 -20.71 -14.02
N LEU A 228 -7.74 -20.50 -12.71
CA LEU A 228 -8.06 -21.49 -11.68
C LEU A 228 -9.31 -20.97 -10.97
N VAL A 229 -10.16 -21.87 -10.47
CA VAL A 229 -11.38 -21.42 -9.83
C VAL A 229 -11.82 -22.09 -8.53
N HIS A 230 -12.19 -21.24 -7.58
CA HIS A 230 -12.71 -21.70 -6.32
C HIS A 230 -14.01 -20.94 -6.09
N HIS A 231 -15.06 -21.70 -5.79
CA HIS A 231 -16.39 -21.16 -5.53
C HIS A 231 -16.66 -21.19 -4.02
N SER A 232 -15.62 -21.30 -3.20
CA SER A 232 -15.81 -21.35 -1.76
C SER A 232 -14.56 -20.85 -1.04
N PHE A 233 -14.01 -19.76 -1.56
CA PHE A 233 -12.79 -19.18 -0.99
C PHE A 233 -13.02 -18.22 0.18
N ALA A 234 -13.29 -18.78 1.37
CA ALA A 234 -13.53 -18.01 2.60
C ALA A 234 -12.49 -16.88 2.92
N LEU A 235 -12.90 -15.91 3.75
CA LEU A 235 -12.01 -14.82 4.13
C LEU A 235 -11.95 -14.68 5.66
N ASP A 236 -12.88 -15.35 6.33
CA ASP A 236 -12.89 -15.30 7.78
C ASP A 236 -12.13 -16.55 8.25
N LYS A 237 -11.37 -17.13 7.31
CA LYS A 237 -10.55 -18.29 7.63
C LYS A 237 -9.43 -18.54 6.63
N ALA A 238 -8.65 -19.60 6.86
CA ALA A 238 -7.49 -19.94 6.04
C ALA A 238 -7.76 -20.32 4.59
N ALA A 239 -6.86 -19.91 3.69
CA ALA A 239 -7.02 -20.22 2.27
C ALA A 239 -7.41 -21.69 2.11
N PRO A 240 -7.95 -22.08 0.95
CA PRO A 240 -8.31 -23.49 0.87
C PRO A 240 -7.19 -24.40 0.36
N LYS A 241 -7.36 -25.68 0.67
CA LYS A 241 -6.42 -26.71 0.26
C LYS A 241 -7.12 -27.78 -0.55
N PRO A 242 -6.97 -27.76 -1.89
CA PRO A 242 -6.22 -26.84 -2.76
C PRO A 242 -6.78 -25.43 -2.92
N PRO A 243 -6.00 -24.51 -3.50
CA PRO A 243 -6.42 -23.12 -3.71
C PRO A 243 -7.55 -22.97 -4.73
N PHE A 244 -7.65 -23.92 -5.65
CA PHE A 244 -8.69 -23.88 -6.69
C PHE A 244 -9.51 -25.19 -6.71
N GLN A 245 -10.61 -25.21 -7.47
CA GLN A 245 -11.46 -26.41 -7.56
C GLN A 245 -11.62 -26.86 -9.01
N SER A 246 -11.51 -25.89 -9.91
CA SER A 246 -11.64 -26.14 -11.32
C SER A 246 -10.76 -25.16 -12.04
N HIS A 247 -10.49 -25.45 -13.31
CA HIS A 247 -9.60 -24.64 -14.14
C HIS A 247 -9.90 -24.73 -15.62
N PHE A 248 -9.42 -23.73 -16.36
CA PHE A 248 -9.59 -23.70 -17.82
C PHE A 248 -8.44 -22.98 -18.52
N CYS A 249 -8.14 -23.49 -19.72
CA CYS A 249 -7.08 -22.99 -20.60
C CYS A 249 -7.70 -22.64 -21.94
N VAL A 250 -7.07 -21.73 -22.65
CA VAL A 250 -7.53 -21.36 -23.99
C VAL A 250 -6.33 -20.91 -24.74
N VAL A 251 -6.24 -21.35 -25.99
CA VAL A 251 -5.12 -20.97 -26.81
C VAL A 251 -5.65 -20.58 -28.18
N SER A 252 -4.89 -19.79 -28.91
CA SER A 252 -5.30 -19.34 -30.22
C SER A 252 -4.05 -19.00 -31.03
N LYS A 253 -4.06 -19.27 -32.33
CA LYS A 253 -2.92 -18.98 -33.19
C LYS A 253 -3.04 -17.53 -33.63
N PRO A 254 -1.97 -16.75 -33.47
CA PRO A 254 -1.92 -15.32 -33.81
C PRO A 254 -2.57 -14.86 -35.13
N LYS A 255 -2.34 -15.59 -36.22
CA LYS A 255 -2.89 -15.23 -37.54
C LYS A 255 -2.21 -16.08 -38.63
N ASP A 256 -0.93 -15.75 -38.82
CA ASP A 256 -0.05 -16.35 -39.82
C ASP A 256 0.61 -17.64 -39.38
N CYS A 257 0.00 -18.32 -38.40
CA CYS A 257 0.52 -19.60 -37.92
C CYS A 257 -0.58 -20.63 -37.70
N ILE A 258 -0.23 -21.91 -37.88
CA ILE A 258 -1.18 -23.02 -37.68
C ILE A 258 -0.76 -23.76 -36.41
N PHE A 259 -1.70 -24.49 -35.79
CA PHE A 259 -1.36 -25.26 -34.60
C PHE A 259 -0.57 -26.45 -35.09
N PRO A 260 0.48 -26.82 -34.37
CA PRO A 260 1.24 -27.98 -34.83
C PRO A 260 0.21 -29.06 -35.08
N TYR A 261 0.61 -30.11 -35.76
CA TYR A 261 -0.31 -31.20 -36.07
C TYR A 261 -0.35 -32.29 -35.00
N ALA A 262 -1.55 -32.82 -34.77
CA ALA A 262 -1.84 -33.85 -33.77
C ALA A 262 -2.06 -33.19 -32.40
N PHE A 263 -1.94 -31.87 -32.39
CA PHE A 263 -2.14 -31.05 -31.19
C PHE A 263 -3.52 -31.29 -30.56
N LYS A 264 -4.55 -31.37 -31.40
CA LYS A 264 -5.92 -31.61 -30.95
C LYS A 264 -5.95 -32.96 -30.26
N GLU A 265 -5.34 -33.94 -30.91
CA GLU A 265 -5.27 -35.30 -30.41
C GLU A 265 -4.28 -35.52 -29.24
N VAL A 266 -3.33 -34.60 -29.05
CA VAL A 266 -2.36 -34.69 -27.93
C VAL A 266 -2.99 -34.07 -26.70
N ILE A 267 -3.95 -33.19 -26.94
CA ILE A 267 -4.69 -32.52 -25.87
C ILE A 267 -5.73 -33.53 -25.38
N GLU A 268 -6.36 -34.23 -26.32
CA GLU A 268 -7.37 -35.25 -26.01
C GLU A 268 -6.62 -36.41 -25.36
N LYS A 269 -5.35 -36.53 -25.74
CA LYS A 269 -4.48 -37.58 -25.22
C LYS A 269 -4.19 -37.41 -23.73
N LYS A 270 -3.61 -36.28 -23.36
CA LYS A 270 -3.24 -36.02 -21.97
C LYS A 270 -4.37 -35.48 -21.08
N ASN A 271 -5.58 -35.41 -21.61
CA ASN A 271 -6.76 -34.93 -20.89
C ASN A 271 -6.55 -33.63 -20.12
N VAL A 272 -6.40 -32.52 -20.83
CA VAL A 272 -6.22 -31.22 -20.20
C VAL A 272 -7.45 -30.39 -20.56
N LYS A 273 -7.99 -29.67 -19.59
CA LYS A 273 -9.16 -28.83 -19.85
C LYS A 273 -8.72 -27.63 -20.68
N VAL A 274 -8.23 -27.86 -21.90
CA VAL A 274 -7.80 -26.76 -22.75
C VAL A 274 -8.56 -26.60 -24.06
N GLU A 275 -9.13 -25.42 -24.26
CA GLU A 275 -9.86 -25.09 -25.47
C GLU A 275 -8.94 -24.44 -26.48
N VAL A 276 -8.93 -25.04 -27.67
CA VAL A 276 -8.13 -24.56 -28.80
C VAL A 276 -9.00 -23.52 -29.55
N ALA A 277 -8.64 -22.25 -29.44
CA ALA A 277 -9.38 -21.16 -30.07
C ALA A 277 -8.84 -20.84 -31.46
N ALA A 278 -9.74 -20.85 -32.45
CA ALA A 278 -9.40 -20.59 -33.84
C ALA A 278 -8.91 -19.17 -34.14
N THR A 279 -9.21 -18.22 -33.25
CA THR A 279 -8.76 -16.83 -33.43
C THR A 279 -8.68 -16.03 -32.13
N GLU A 280 -8.26 -14.76 -32.28
CA GLU A 280 -8.13 -13.85 -31.15
C GLU A 280 -9.50 -13.49 -30.55
N ARG A 281 -10.45 -13.15 -31.41
CA ARG A 281 -11.78 -12.84 -30.96
C ARG A 281 -12.37 -14.06 -30.28
N THR A 282 -12.09 -15.25 -30.84
CA THR A 282 -12.64 -16.50 -30.28
C THR A 282 -12.13 -16.82 -28.89
N LEU A 283 -10.99 -16.24 -28.52
CA LEU A 283 -10.42 -16.48 -27.20
C LEU A 283 -11.08 -15.47 -26.26
N LEU A 284 -11.10 -14.19 -26.67
CA LEU A 284 -11.69 -13.10 -25.87
C LEU A 284 -13.14 -13.42 -25.54
N GLY A 285 -13.87 -13.88 -26.54
CA GLY A 285 -15.26 -14.24 -26.35
C GLY A 285 -15.42 -15.50 -25.51
N PHE A 286 -14.46 -16.42 -25.62
CA PHE A 286 -14.50 -17.64 -24.82
C PHE A 286 -14.26 -17.27 -23.38
N PHE A 287 -13.37 -16.30 -23.20
CA PHE A 287 -13.01 -15.83 -21.87
C PHE A 287 -14.13 -15.08 -21.13
N LEU A 288 -14.72 -14.09 -21.80
CA LEU A 288 -15.80 -13.30 -21.22
C LEU A 288 -16.96 -14.25 -20.92
N ALA A 289 -17.15 -15.25 -21.79
CA ALA A 289 -18.20 -16.27 -21.62
C ALA A 289 -18.02 -16.97 -20.28
N LYS A 290 -16.78 -17.36 -19.98
CA LYS A 290 -16.43 -18.04 -18.74
C LYS A 290 -16.53 -17.06 -17.55
N VAL A 291 -15.95 -15.86 -17.74
CA VAL A 291 -15.98 -14.80 -16.73
C VAL A 291 -17.38 -14.77 -16.18
N HIS A 292 -18.31 -14.52 -17.11
CA HIS A 292 -19.73 -14.41 -16.87
C HIS A 292 -20.37 -15.66 -16.22
N LYS A 293 -19.93 -16.85 -16.61
CA LYS A 293 -20.49 -18.06 -16.03
C LYS A 293 -19.96 -18.38 -14.63
N ILE A 294 -18.65 -18.25 -14.41
CA ILE A 294 -18.09 -18.53 -13.10
C ILE A 294 -18.52 -17.37 -12.22
N ASP A 295 -18.67 -16.22 -12.87
CA ASP A 295 -19.08 -14.96 -12.23
C ASP A 295 -18.35 -14.83 -10.89
N PRO A 296 -17.04 -14.60 -10.95
CA PRO A 296 -16.11 -14.45 -9.82
C PRO A 296 -16.25 -13.09 -9.13
N ASP A 297 -16.28 -13.08 -7.79
CA ASP A 297 -16.41 -11.81 -7.07
C ASP A 297 -15.06 -11.15 -7.09
N ILE A 298 -14.05 -12.00 -6.94
CA ILE A 298 -12.65 -11.59 -6.91
C ILE A 298 -11.85 -12.23 -8.02
N ILE A 299 -11.28 -11.40 -8.90
CA ILE A 299 -10.46 -11.89 -10.01
C ILE A 299 -9.04 -11.49 -9.74
N VAL A 300 -8.19 -12.50 -9.53
CA VAL A 300 -6.79 -12.25 -9.21
C VAL A 300 -5.78 -12.45 -10.35
N GLY A 301 -4.74 -11.60 -10.33
CA GLY A 301 -3.69 -11.66 -11.33
C GLY A 301 -2.38 -11.02 -10.92
N HIS A 302 -1.49 -10.81 -11.89
CA HIS A 302 -0.20 -10.19 -11.63
C HIS A 302 -0.13 -8.89 -12.43
N ASN A 303 0.17 -7.81 -11.74
CA ASN A 303 0.25 -6.48 -12.37
C ASN A 303 -0.94 -6.35 -13.28
N ILE A 304 -2.09 -6.09 -12.67
CA ILE A 304 -3.34 -5.96 -13.40
C ILE A 304 -3.66 -4.54 -13.84
N TYR A 305 -3.71 -3.60 -12.90
CA TYR A 305 -4.04 -2.23 -13.25
C TYR A 305 -2.92 -1.53 -14.04
N GLY A 306 -1.84 -2.25 -14.30
CA GLY A 306 -0.74 -1.66 -15.05
C GLY A 306 -0.67 -2.03 -16.52
N PHE A 307 -0.65 -3.34 -16.78
CA PHE A 307 -0.56 -3.85 -18.14
C PHE A 307 -1.70 -4.82 -18.44
N GLU A 308 -1.55 -6.06 -17.96
CA GLU A 308 -2.53 -7.13 -18.17
C GLU A 308 -3.98 -6.69 -18.45
N LEU A 309 -4.55 -5.85 -17.60
CA LEU A 309 -5.93 -5.39 -17.81
C LEU A 309 -6.11 -4.46 -19.00
N GLU A 310 -5.29 -3.40 -19.07
CA GLU A 310 -5.37 -2.45 -20.17
C GLU A 310 -5.40 -3.19 -21.51
N VAL A 311 -4.53 -4.19 -21.63
CA VAL A 311 -4.42 -5.01 -22.83
C VAL A 311 -5.60 -5.98 -23.04
N LEU A 312 -6.26 -6.41 -21.97
CA LEU A 312 -7.39 -7.31 -22.16
C LEU A 312 -8.58 -6.54 -22.72
N LEU A 313 -8.79 -5.31 -22.22
CA LEU A 313 -9.90 -4.47 -22.68
C LEU A 313 -9.70 -3.88 -24.09
N GLN A 314 -8.48 -3.41 -24.39
CA GLN A 314 -8.18 -2.86 -25.71
C GLN A 314 -8.21 -3.94 -26.79
N ARG A 315 -7.93 -5.18 -26.39
CA ARG A 315 -7.94 -6.31 -27.34
C ARG A 315 -9.35 -6.81 -27.59
N ILE A 316 -10.31 -6.27 -26.86
CA ILE A 316 -11.70 -6.63 -27.05
C ILE A 316 -12.35 -5.49 -27.88
N ASN A 317 -11.68 -4.34 -27.86
CA ASN A 317 -12.07 -3.14 -28.61
C ASN A 317 -11.64 -3.39 -30.09
N VAL A 318 -10.41 -3.85 -30.24
CA VAL A 318 -9.84 -4.18 -31.55
C VAL A 318 -10.61 -5.36 -32.15
N CYS A 319 -10.41 -6.55 -31.57
CA CYS A 319 -11.09 -7.77 -32.04
C CYS A 319 -12.61 -7.74 -31.92
N LYS A 320 -13.18 -6.55 -31.76
CA LYS A 320 -14.63 -6.39 -31.62
C LYS A 320 -15.22 -7.65 -30.97
N ALA A 321 -14.91 -7.86 -29.69
CA ALA A 321 -15.43 -9.04 -28.98
C ALA A 321 -16.88 -8.82 -28.54
N PRO A 322 -17.62 -9.91 -28.28
CA PRO A 322 -19.03 -9.91 -27.85
C PRO A 322 -19.31 -9.73 -26.35
N HIS A 323 -20.00 -8.65 -26.01
CA HIS A 323 -20.40 -8.32 -24.63
C HIS A 323 -19.23 -7.97 -23.69
N TRP A 324 -18.47 -6.92 -24.03
CA TRP A 324 -17.32 -6.51 -23.23
C TRP A 324 -17.57 -6.35 -21.72
N SER A 325 -18.63 -5.65 -21.34
CA SER A 325 -18.90 -5.41 -19.93
C SER A 325 -19.01 -6.69 -19.10
N LYS A 326 -19.28 -7.82 -19.75
CA LYS A 326 -19.38 -9.12 -19.06
C LYS A 326 -18.15 -9.35 -18.18
N ILE A 327 -17.21 -8.42 -18.31
CA ILE A 327 -15.98 -8.41 -17.54
C ILE A 327 -16.46 -7.91 -16.17
N GLY A 328 -17.06 -6.72 -16.17
CA GLY A 328 -17.58 -6.14 -14.95
C GLY A 328 -18.84 -6.84 -14.45
N ARG A 329 -19.63 -6.13 -13.66
CA ARG A 329 -20.86 -6.71 -13.14
C ARG A 329 -22.11 -5.91 -13.54
N LEU A 330 -21.86 -4.75 -14.13
CA LEU A 330 -22.93 -3.88 -14.58
C LEU A 330 -23.05 -3.95 -16.10
N LYS A 331 -24.27 -3.88 -16.62
CA LYS A 331 -24.46 -3.87 -18.07
C LYS A 331 -24.18 -2.42 -18.44
N ARG A 332 -23.43 -2.24 -19.52
CA ARG A 332 -23.09 -0.90 -20.00
C ARG A 332 -22.93 -0.98 -21.51
N SER A 333 -22.86 0.18 -22.17
CA SER A 333 -22.74 0.20 -23.62
C SER A 333 -21.35 0.64 -24.08
N ASN A 334 -20.99 1.87 -23.74
CA ASN A 334 -19.69 2.39 -24.12
C ASN A 334 -18.58 1.73 -23.29
N MET A 335 -17.39 1.62 -23.84
CA MET A 335 -16.28 1.02 -23.12
C MET A 335 -15.14 2.04 -23.02
N PRO A 336 -14.99 2.68 -21.85
CA PRO A 336 -13.95 3.67 -21.64
C PRO A 336 -12.52 3.19 -21.94
N LYS A 337 -11.53 4.06 -21.73
CA LYS A 337 -10.12 3.73 -21.95
C LYS A 337 -9.19 4.68 -21.19
N LEU A 338 -7.93 4.29 -21.01
CA LEU A 338 -6.96 5.13 -20.32
C LEU A 338 -6.05 5.78 -21.36
N GLY A 343 -6.13 2.78 -11.82
CA GLY A 343 -6.97 2.32 -12.91
C GLY A 343 -8.41 2.79 -12.82
N PHE A 344 -8.71 3.97 -13.39
CA PHE A 344 -10.05 4.56 -13.38
C PHE A 344 -10.97 3.96 -14.43
N GLY A 345 -10.64 4.23 -15.70
CA GLY A 345 -11.43 3.69 -16.78
C GLY A 345 -11.51 2.19 -16.59
N GLU A 346 -10.43 1.60 -16.07
CA GLU A 346 -10.35 0.16 -15.84
C GLU A 346 -11.20 -0.36 -14.64
N ARG A 347 -11.03 0.24 -13.46
CA ARG A 347 -11.81 -0.21 -12.30
C ARG A 347 -13.27 -0.26 -12.69
N ASN A 348 -13.73 0.80 -13.34
CA ASN A 348 -15.10 0.91 -13.78
C ASN A 348 -15.51 -0.22 -14.73
N ALA A 349 -14.64 -0.62 -15.64
CA ALA A 349 -14.97 -1.69 -16.57
C ALA A 349 -15.24 -2.99 -15.79
N THR A 350 -14.61 -3.10 -14.63
CA THR A 350 -14.74 -4.28 -13.77
C THR A 350 -15.55 -4.01 -12.50
N CYS A 351 -16.21 -2.85 -12.47
CA CYS A 351 -17.03 -2.45 -11.33
C CYS A 351 -18.07 -3.52 -10.99
N GLY A 352 -18.11 -3.89 -9.71
CA GLY A 352 -19.02 -4.92 -9.27
C GLY A 352 -18.16 -6.11 -8.98
N ARG A 353 -16.94 -6.08 -9.53
CA ARG A 353 -15.99 -7.16 -9.32
C ARG A 353 -14.70 -6.58 -8.72
N MET A 354 -14.08 -7.33 -7.80
CA MET A 354 -12.86 -6.88 -7.14
C MET A 354 -11.57 -7.44 -7.76
N ILE A 355 -10.66 -6.52 -8.09
CA ILE A 355 -9.39 -6.93 -8.67
C ILE A 355 -8.17 -6.89 -7.74
N CYS A 356 -7.73 -8.09 -7.34
CA CYS A 356 -6.57 -8.30 -6.45
C CYS A 356 -5.27 -8.38 -7.24
N ASP A 357 -4.40 -7.37 -7.07
CA ASP A 357 -3.12 -7.37 -7.81
C ASP A 357 -1.89 -7.76 -6.99
N VAL A 358 -1.56 -9.06 -6.97
CA VAL A 358 -0.43 -9.56 -6.19
C VAL A 358 0.84 -8.73 -6.27
N GLU A 359 0.92 -7.78 -7.21
CA GLU A 359 2.12 -6.95 -7.29
C GLU A 359 1.99 -5.82 -6.28
N ILE A 360 0.92 -5.03 -6.41
CA ILE A 360 0.67 -3.90 -5.53
C ILE A 360 0.40 -4.31 -4.08
N SER A 361 -0.24 -5.47 -3.90
CA SER A 361 -0.52 -5.99 -2.56
C SER A 361 0.81 -6.21 -1.82
N ALA A 362 1.73 -6.93 -2.45
CA ALA A 362 3.03 -7.20 -1.86
C ALA A 362 3.74 -5.87 -1.67
N LYS A 363 3.73 -4.99 -2.67
CA LYS A 363 4.36 -3.71 -2.52
C LYS A 363 3.94 -3.13 -1.19
N GLU A 364 2.82 -3.64 -0.66
CA GLU A 364 2.22 -3.16 0.59
C GLU A 364 2.44 -4.03 1.82
N LEU A 365 2.69 -5.32 1.62
CA LEU A 365 2.90 -6.22 2.74
C LEU A 365 4.34 -6.66 3.02
N ILE A 366 5.26 -6.41 2.09
CA ILE A 366 6.66 -6.80 2.28
C ILE A 366 7.60 -5.98 1.40
N ARG A 367 8.88 -6.33 1.44
CA ARG A 367 9.85 -5.61 0.64
C ARG A 367 10.71 -6.54 -0.20
N CYS A 368 11.03 -6.08 -1.42
CA CYS A 368 11.85 -6.84 -2.36
C CYS A 368 12.54 -5.86 -3.28
N LYS A 369 13.59 -6.32 -3.94
CA LYS A 369 14.33 -5.48 -4.85
C LYS A 369 13.42 -5.11 -6.03
N SER A 370 12.67 -6.10 -6.52
CA SER A 370 11.72 -5.90 -7.62
C SER A 370 10.50 -6.77 -7.34
N TYR A 371 9.32 -6.24 -7.61
CA TYR A 371 8.08 -6.94 -7.33
C TYR A 371 7.43 -7.77 -8.46
N HIS A 372 8.19 -8.06 -9.52
CA HIS A 372 7.69 -8.84 -10.65
C HIS A 372 7.58 -10.31 -10.25
N LEU A 373 6.58 -11.01 -10.78
CA LEU A 373 6.32 -12.40 -10.40
C LEU A 373 7.51 -13.29 -10.05
N SER A 374 8.42 -13.53 -10.99
CA SER A 374 9.58 -14.40 -10.71
C SER A 374 10.24 -14.06 -9.36
N GLU A 375 10.60 -12.80 -9.17
CA GLU A 375 11.23 -12.33 -7.94
C GLU A 375 10.37 -12.71 -6.74
N LEU A 376 9.08 -12.48 -6.89
CA LEU A 376 8.08 -12.75 -5.87
C LEU A 376 7.83 -14.25 -5.61
N VAL A 377 7.74 -15.05 -6.67
CA VAL A 377 7.51 -16.48 -6.49
C VAL A 377 8.68 -17.02 -5.66
N GLN A 378 9.89 -16.70 -6.10
CA GLN A 378 11.10 -17.12 -5.43
C GLN A 378 11.13 -16.76 -3.95
N GLN A 379 11.17 -15.48 -3.66
CA GLN A 379 11.23 -14.99 -2.29
C GLN A 379 10.06 -15.40 -1.39
N ILE A 380 8.88 -15.63 -1.99
CA ILE A 380 7.68 -15.98 -1.22
C ILE A 380 7.28 -17.47 -1.21
N LEU A 381 7.42 -18.14 -2.35
CA LEU A 381 7.08 -19.57 -2.45
C LEU A 381 8.31 -20.48 -2.35
N LYS A 382 9.50 -19.87 -2.42
CA LYS A 382 10.77 -20.60 -2.35
C LYS A 382 10.85 -21.59 -3.51
N THR A 383 10.62 -21.07 -4.71
CA THR A 383 10.64 -21.83 -5.95
C THR A 383 11.06 -20.92 -7.11
N GLU A 384 11.56 -21.56 -8.16
CA GLU A 384 12.00 -20.85 -9.34
C GLU A 384 10.89 -20.80 -10.39
N ARG A 385 10.89 -19.72 -11.15
CA ARG A 385 9.90 -19.55 -12.17
C ARG A 385 10.56 -19.34 -13.52
N VAL A 386 10.18 -20.20 -14.46
CA VAL A 386 10.70 -20.17 -15.82
C VAL A 386 10.16 -18.93 -16.54
N VAL A 387 11.05 -18.07 -17.03
CA VAL A 387 10.63 -16.87 -17.75
C VAL A 387 10.73 -17.20 -19.24
N ILE A 388 9.61 -17.12 -19.98
CA ILE A 388 9.63 -17.43 -21.41
C ILE A 388 9.52 -16.19 -22.31
N PRO A 389 10.63 -15.79 -22.97
CA PRO A 389 10.65 -14.63 -23.86
C PRO A 389 9.61 -14.68 -25.02
N MET A 390 9.26 -13.51 -25.55
CA MET A 390 8.28 -13.37 -26.64
C MET A 390 8.79 -13.77 -28.02
N GLU A 391 10.08 -14.09 -28.09
CA GLU A 391 10.71 -14.49 -29.33
C GLU A 391 10.62 -16.00 -29.41
N ASN A 392 10.89 -16.66 -28.28
CA ASN A 392 10.82 -18.11 -28.23
C ASN A 392 9.40 -18.57 -28.53
N ILE A 393 8.44 -17.63 -28.40
CA ILE A 393 7.02 -17.94 -28.63
C ILE A 393 6.63 -18.38 -30.06
N GLN A 394 6.94 -17.57 -31.06
CA GLN A 394 6.60 -17.90 -32.45
C GLN A 394 7.04 -19.33 -32.77
N ASN A 395 8.24 -19.68 -32.32
CA ASN A 395 8.80 -21.01 -32.54
C ASN A 395 7.90 -22.09 -31.93
N MET A 396 7.67 -21.99 -30.62
CA MET A 396 6.84 -22.93 -29.86
C MET A 396 5.69 -23.54 -30.66
N TYR A 397 5.07 -22.70 -31.48
CA TYR A 397 3.94 -23.10 -32.31
C TYR A 397 4.34 -24.04 -33.43
N SER A 398 5.63 -24.22 -33.63
CA SER A 398 6.12 -25.10 -34.68
C SER A 398 5.89 -26.57 -34.32
N GLU A 399 6.10 -26.91 -33.05
CA GLU A 399 5.94 -28.28 -32.55
C GLU A 399 4.85 -28.35 -31.47
N SER A 400 4.08 -29.43 -31.46
CA SER A 400 3.00 -29.63 -30.49
C SER A 400 3.47 -29.57 -29.03
N SER A 401 4.68 -30.04 -28.77
CA SER A 401 5.24 -30.06 -27.41
C SER A 401 5.50 -28.66 -26.83
N GLN A 402 5.95 -27.73 -27.67
CA GLN A 402 6.26 -26.37 -27.23
C GLN A 402 5.02 -25.53 -26.87
N LEU A 403 3.97 -25.62 -27.68
CA LEU A 403 2.77 -24.85 -27.38
C LEU A 403 2.17 -25.40 -26.10
N LEU A 404 2.25 -26.71 -25.93
CA LEU A 404 1.72 -27.38 -24.76
C LEU A 404 2.49 -26.95 -23.51
N TYR A 405 3.73 -26.49 -23.71
CA TYR A 405 4.54 -26.02 -22.60
C TYR A 405 4.23 -24.55 -22.29
N LEU A 406 4.04 -23.73 -23.33
CA LEU A 406 3.74 -22.29 -23.16
C LEU A 406 2.38 -22.09 -22.51
N LEU A 407 1.56 -23.13 -22.52
CA LEU A 407 0.22 -23.10 -21.95
C LEU A 407 0.17 -23.75 -20.59
N GLU A 408 1.14 -24.61 -20.32
CA GLU A 408 1.27 -25.29 -19.04
C GLU A 408 2.01 -24.30 -18.16
N HIS A 409 2.66 -23.35 -18.84
CA HIS A 409 3.45 -22.26 -18.26
C HIS A 409 2.55 -21.13 -17.77
N THR A 410 1.54 -20.78 -18.57
CA THR A 410 0.60 -19.75 -18.21
C THR A 410 -0.37 -20.30 -17.17
N TRP A 411 -0.52 -21.61 -17.15
CA TRP A 411 -1.37 -22.30 -16.21
C TRP A 411 -0.67 -22.30 -14.84
N LYS A 412 0.66 -22.22 -14.87
CA LYS A 412 1.45 -22.18 -13.63
C LYS A 412 1.37 -20.79 -12.98
N ASP A 413 1.66 -19.72 -13.74
CA ASP A 413 1.62 -18.36 -13.19
C ASP A 413 0.34 -18.15 -12.40
N ALA A 414 -0.78 -18.57 -12.99
CA ALA A 414 -2.08 -18.45 -12.35
C ALA A 414 -2.08 -19.30 -11.10
N LYS A 415 -1.10 -20.20 -10.99
CA LYS A 415 -1.02 -21.04 -9.82
C LYS A 415 0.01 -20.51 -8.83
N PHE A 416 0.79 -19.50 -9.23
CA PHE A 416 1.76 -18.89 -8.32
C PHE A 416 1.00 -17.72 -7.70
N ILE A 417 0.35 -16.96 -8.58
CA ILE A 417 -0.44 -15.78 -8.19
C ILE A 417 -1.52 -16.13 -7.14
N LEU A 418 -2.25 -17.24 -7.34
CA LEU A 418 -3.28 -17.70 -6.39
C LEU A 418 -2.62 -18.28 -5.11
N GLN A 419 -1.35 -18.68 -5.19
CA GLN A 419 -0.64 -19.21 -4.01
C GLN A 419 0.13 -18.07 -3.34
N ILE A 420 0.53 -17.06 -4.14
CA ILE A 420 1.24 -15.87 -3.63
C ILE A 420 0.22 -15.11 -2.81
N MET A 421 -0.97 -15.03 -3.40
CA MET A 421 -2.08 -14.33 -2.78
C MET A 421 -2.39 -15.16 -1.56
N CYS A 422 -2.71 -16.43 -1.77
CA CYS A 422 -3.02 -17.35 -0.68
C CYS A 422 -1.97 -17.35 0.48
N GLU A 423 -0.71 -17.04 0.14
CA GLU A 423 0.39 -17.03 1.12
C GLU A 423 0.43 -15.80 2.06
N LEU A 424 0.21 -14.60 1.50
CA LEU A 424 0.24 -13.37 2.28
C LEU A 424 -1.09 -12.99 2.94
N ASN A 425 -2.12 -13.81 2.78
CA ASN A 425 -3.41 -13.45 3.33
C ASN A 425 -3.75 -12.02 2.93
N VAL A 426 -3.64 -11.70 1.63
CA VAL A 426 -3.94 -10.36 1.14
C VAL A 426 -5.43 -10.03 1.17
N LEU A 427 -6.24 -11.08 1.13
CA LEU A 427 -7.68 -10.89 1.16
C LEU A 427 -8.18 -10.76 2.59
N PRO A 428 -8.01 -11.82 3.43
CA PRO A 428 -8.49 -11.71 4.81
C PRO A 428 -7.95 -10.50 5.52
N LEU A 429 -6.93 -9.87 4.96
CA LEU A 429 -6.33 -8.69 5.56
C LEU A 429 -7.04 -7.43 5.07
N ALA A 430 -7.21 -7.39 3.74
CA ALA A 430 -7.86 -6.28 3.03
C ALA A 430 -9.24 -6.07 3.59
N LEU A 431 -9.96 -7.18 3.76
CA LEU A 431 -11.29 -7.16 4.31
C LEU A 431 -11.23 -6.30 5.56
N GLN A 432 -10.62 -6.82 6.62
CA GLN A 432 -10.50 -6.09 7.88
C GLN A 432 -9.98 -4.66 7.80
N ILE A 433 -8.94 -4.41 7.04
CA ILE A 433 -8.48 -3.03 7.02
C ILE A 433 -9.67 -2.17 6.63
N THR A 434 -10.57 -2.75 5.84
CA THR A 434 -11.74 -2.04 5.37
C THR A 434 -12.82 -1.98 6.46
N ASN A 435 -13.30 -3.14 6.91
CA ASN A 435 -14.28 -3.20 7.98
C ASN A 435 -13.93 -2.31 9.17
N ILE A 436 -12.66 -1.93 9.27
CA ILE A 436 -12.22 -1.09 10.36
C ILE A 436 -12.40 0.36 9.97
N ALA A 437 -12.10 0.71 8.73
CA ALA A 437 -12.23 2.10 8.29
C ALA A 437 -13.58 2.33 7.60
N GLY A 438 -14.29 1.25 7.29
CA GLY A 438 -15.59 1.38 6.64
C GLY A 438 -15.56 1.85 5.19
N ASN A 439 -14.36 2.05 4.63
CA ASN A 439 -14.15 2.48 3.25
C ASN A 439 -14.64 1.39 2.30
N ILE A 440 -14.14 1.35 1.07
CA ILE A 440 -14.58 0.32 0.14
C ILE A 440 -13.46 -0.66 -0.16
N MET A 441 -13.70 -1.95 0.05
CA MET A 441 -12.66 -2.96 -0.16
C MET A 441 -11.95 -2.94 -1.51
N SER A 442 -12.67 -2.96 -2.62
CA SER A 442 -11.98 -2.89 -3.89
C SER A 442 -11.00 -1.69 -3.84
N ARG A 443 -11.39 -0.57 -3.24
CA ARG A 443 -10.50 0.60 -3.16
C ARG A 443 -9.27 0.26 -2.32
N THR A 444 -9.46 -0.53 -1.26
CA THR A 444 -8.32 -0.91 -0.43
C THR A 444 -7.30 -1.69 -1.26
N LEU A 445 -7.73 -2.79 -1.87
CA LEU A 445 -6.83 -3.61 -2.69
C LEU A 445 -6.17 -2.78 -3.76
N MET A 446 -6.67 -1.57 -4.00
CA MET A 446 -6.07 -0.72 -5.01
C MET A 446 -5.03 0.16 -4.34
N GLY A 447 -4.76 -0.11 -3.07
CA GLY A 447 -3.77 0.67 -2.35
C GLY A 447 -4.15 2.11 -2.05
N GLY A 448 -3.44 2.69 -1.09
CA GLY A 448 -3.72 4.04 -0.67
C GLY A 448 -4.12 4.05 0.79
N ARG A 449 -3.34 4.74 1.61
CA ARG A 449 -3.63 4.81 3.03
C ARG A 449 -4.57 5.99 3.27
N SER A 450 -4.22 7.11 2.66
CA SER A 450 -4.96 8.37 2.80
C SER A 450 -6.48 8.29 2.67
N GLU A 451 -6.97 7.51 1.71
CA GLU A 451 -8.41 7.41 1.56
C GLU A 451 -8.95 6.69 2.79
N ARG A 452 -8.43 5.49 3.06
CA ARG A 452 -8.85 4.69 4.20
C ARG A 452 -8.92 5.48 5.50
N ASN A 453 -8.06 6.48 5.62
CA ASN A 453 -8.04 7.30 6.81
C ASN A 453 -9.31 8.10 6.80
N GLU A 454 -9.51 8.81 5.70
CA GLU A 454 -10.68 9.67 5.52
C GLU A 454 -11.96 8.96 5.90
N PHE A 455 -12.25 7.83 5.27
CA PHE A 455 -13.46 7.09 5.60
C PHE A 455 -13.58 6.72 7.09
N LEU A 456 -12.45 6.64 7.81
CA LEU A 456 -12.50 6.31 9.22
C LEU A 456 -12.90 7.51 10.10
N LEU A 457 -12.47 8.70 9.68
CA LEU A 457 -12.79 9.92 10.40
C LEU A 457 -14.17 10.42 10.04
N LEU A 458 -14.61 10.17 8.80
CA LEU A 458 -15.95 10.60 8.39
C LEU A 458 -16.99 9.86 9.24
N HIS A 459 -16.98 8.53 9.17
CA HIS A 459 -17.91 7.77 9.96
C HIS A 459 -17.83 8.23 11.41
N ALA A 460 -16.62 8.53 11.87
CA ALA A 460 -16.41 8.98 13.23
C ALA A 460 -17.16 10.27 13.46
N PHE A 461 -16.90 11.26 12.61
CA PHE A 461 -17.56 12.55 12.74
C PHE A 461 -19.06 12.61 12.43
N TYR A 462 -19.57 11.77 11.54
CA TYR A 462 -21.02 11.81 11.29
C TYR A 462 -21.60 11.33 12.60
N GLU A 463 -21.48 10.03 12.87
CA GLU A 463 -21.98 9.47 14.10
C GLU A 463 -21.99 10.47 15.25
N ASN A 464 -20.98 11.33 15.31
CA ASN A 464 -20.95 12.33 16.39
C ASN A 464 -21.42 13.72 16.01
N ASN A 465 -22.49 13.76 15.21
CA ASN A 465 -23.14 14.97 14.69
C ASN A 465 -22.25 16.12 14.22
N TYR A 466 -21.18 15.78 13.51
CA TYR A 466 -20.26 16.78 13.00
C TYR A 466 -20.47 17.10 11.52
N ILE A 467 -20.29 18.37 11.17
CA ILE A 467 -20.37 18.78 9.77
C ILE A 467 -18.99 18.39 9.22
N VAL A 468 -18.93 17.34 8.41
CA VAL A 468 -17.66 16.92 7.82
C VAL A 468 -17.27 17.85 6.66
N PRO A 469 -15.95 18.14 6.51
CA PRO A 469 -15.41 19.02 5.47
C PRO A 469 -15.66 18.55 4.04
N ASP A 470 -16.10 19.49 3.20
CA ASP A 470 -16.43 19.21 1.81
C ASP A 470 -15.21 18.63 1.13
N LYS A 471 -15.43 17.74 0.17
CA LYS A 471 -14.31 17.18 -0.55
C LYS A 471 -13.73 18.38 -1.27
N GLN A 472 -12.41 18.44 -1.38
CA GLN A 472 -11.75 19.54 -2.07
C GLN A 472 -11.50 19.15 -3.50
N ILE A 473 -12.08 19.90 -4.44
CA ILE A 473 -11.86 19.61 -5.85
C ILE A 473 -10.80 20.57 -6.36
N PHE A 474 -9.59 20.03 -6.55
CA PHE A 474 -8.44 20.81 -7.01
C PHE A 474 -8.38 20.92 -8.53
N ARG A 499 9.13 14.30 -3.36
CA ARG A 499 8.99 14.68 -1.95
C ARG A 499 9.18 16.20 -1.73
N LYS A 500 8.28 16.79 -0.93
CA LYS A 500 8.29 18.24 -0.62
C LYS A 500 9.12 18.63 0.61
N LYS A 501 9.29 19.94 0.81
CA LYS A 501 10.09 20.45 1.93
C LYS A 501 9.35 20.49 3.27
N ALA A 502 9.78 19.66 4.22
CA ALA A 502 9.19 19.54 5.57
C ALA A 502 8.52 20.81 6.07
N ALA A 503 7.27 20.65 6.48
CA ALA A 503 6.45 21.78 6.94
C ALA A 503 6.38 22.00 8.45
N TYR A 504 7.01 21.11 9.21
CA TYR A 504 7.00 21.20 10.66
C TYR A 504 7.89 20.10 11.29
N ALA A 505 8.38 20.40 12.49
CA ALA A 505 9.25 19.51 13.25
C ALA A 505 8.70 18.09 13.35
N GLY A 506 9.60 17.12 13.34
CA GLY A 506 9.19 15.72 13.43
C GLY A 506 9.82 14.98 14.59
N GLY A 507 10.27 13.75 14.31
CA GLY A 507 10.89 12.93 15.34
C GLY A 507 12.28 13.36 15.77
N LEU A 508 12.65 13.00 17.00
CA LEU A 508 13.96 13.32 17.56
C LEU A 508 14.97 12.16 17.47
N VAL A 509 16.21 12.48 17.09
CA VAL A 509 17.28 11.48 17.01
C VAL A 509 18.38 11.85 17.99
N LEU A 510 18.75 10.88 18.81
CA LEU A 510 19.76 11.08 19.82
C LEU A 510 21.13 10.96 19.23
N ASP A 511 22.01 11.83 19.69
CA ASP A 511 23.36 11.77 19.17
C ASP A 511 23.95 10.41 19.44
N PRO A 512 24.44 9.74 18.42
CA PRO A 512 24.99 8.42 18.72
C PRO A 512 26.41 8.45 19.23
N LYS A 513 26.69 7.54 20.15
CA LYS A 513 28.02 7.41 20.71
C LYS A 513 28.75 6.34 19.93
N VAL A 514 29.10 6.69 18.71
CA VAL A 514 29.81 5.81 17.79
C VAL A 514 30.77 4.82 18.44
N GLY A 515 30.81 3.59 17.95
CA GLY A 515 31.71 2.58 18.48
C GLY A 515 31.25 1.12 18.42
N PHE A 516 32.16 0.19 18.69
CA PHE A 516 31.80 -1.21 18.69
C PHE A 516 31.52 -1.60 20.12
N TYR A 517 30.46 -2.34 20.36
CA TYR A 517 30.10 -2.76 21.70
C TYR A 517 30.08 -4.28 21.90
N ASP A 518 30.81 -4.71 22.94
CA ASP A 518 30.93 -6.13 23.34
C ASP A 518 29.88 -6.48 24.37
N LYS A 519 29.72 -5.61 25.36
CA LYS A 519 28.74 -5.86 26.40
C LYS A 519 27.30 -5.63 25.89
N PHE A 520 26.34 -6.37 26.46
CA PHE A 520 24.94 -6.24 26.08
C PHE A 520 24.34 -4.84 26.00
N ILE A 521 23.51 -4.65 24.98
CA ILE A 521 22.78 -3.41 24.69
C ILE A 521 21.28 -3.68 24.84
N LEU A 522 20.60 -2.79 25.53
CA LEU A 522 19.18 -2.94 25.77
C LEU A 522 18.38 -2.05 24.86
N LEU A 523 17.48 -2.66 24.09
CA LEU A 523 16.61 -1.87 23.22
C LEU A 523 15.23 -1.71 23.86
N LEU A 524 14.95 -0.52 24.36
CA LEU A 524 13.67 -0.18 24.97
C LEU A 524 12.99 0.75 23.98
N ASP A 525 11.78 0.39 23.56
CA ASP A 525 11.11 1.19 22.56
C ASP A 525 9.64 1.34 22.90
N PHE A 526 9.11 2.57 22.84
CA PHE A 526 7.69 2.82 23.15
C PHE A 526 6.67 2.08 22.27
N ASN A 527 5.58 1.61 22.88
CA ASN A 527 4.52 0.90 22.15
C ASN A 527 3.50 1.89 21.57
N SER A 528 3.54 2.10 20.26
CA SER A 528 2.65 3.03 19.61
C SER A 528 2.73 4.41 20.20
N LEU A 529 3.92 4.99 20.09
CA LEU A 529 4.21 6.31 20.61
C LEU A 529 3.34 7.47 20.11
N TYR A 530 2.85 7.37 18.88
CA TYR A 530 2.03 8.44 18.36
C TYR A 530 0.57 8.16 18.65
N PRO A 531 0.12 6.95 18.33
CA PRO A 531 -1.29 6.73 18.65
C PRO A 531 -1.53 7.01 20.14
N SER A 532 -0.68 6.46 21.00
CA SER A 532 -0.80 6.67 22.46
C SER A 532 -0.72 8.14 22.84
N ILE A 533 0.26 8.86 22.29
CA ILE A 533 0.42 10.28 22.58
C ILE A 533 -0.84 11.05 22.21
N ILE A 534 -1.51 10.63 21.15
CA ILE A 534 -2.70 11.34 20.76
C ILE A 534 -3.77 11.21 21.85
N GLN A 535 -3.94 10.00 22.40
CA GLN A 535 -4.91 9.74 23.48
C GLN A 535 -4.37 10.29 24.81
N GLU A 536 -3.24 9.75 25.23
CA GLU A 536 -2.60 10.19 26.46
C GLU A 536 -2.82 11.68 26.72
N PHE A 537 -2.65 12.52 25.71
CA PHE A 537 -2.80 13.96 25.90
C PHE A 537 -4.03 14.59 25.28
N ASN A 538 -4.92 13.74 24.76
CA ASN A 538 -6.18 14.20 24.15
C ASN A 538 -6.02 15.23 23.03
N ILE A 539 -5.28 14.86 21.99
CA ILE A 539 -5.06 15.73 20.84
C ILE A 539 -6.14 15.39 19.80
N CYS A 540 -6.99 16.37 19.51
CA CYS A 540 -8.07 16.15 18.54
C CYS A 540 -8.54 17.47 17.97
N PHE A 541 -9.10 17.42 16.76
CA PHE A 541 -9.62 18.61 16.10
C PHE A 541 -10.50 19.34 17.09
N THR A 542 -11.25 18.55 17.87
CA THR A 542 -12.20 19.09 18.85
C THR A 542 -11.66 19.48 20.24
N THR A 543 -10.37 19.37 20.50
CA THR A 543 -9.85 19.75 21.82
C THR A 543 -8.68 20.73 21.81
N VAL A 544 -8.01 20.86 20.66
CA VAL A 544 -6.87 21.75 20.54
C VAL A 544 -7.23 23.07 19.85
N GLN A 545 -6.84 24.17 20.48
CA GLN A 545 -7.08 25.49 19.94
C GLN A 545 -6.03 25.78 18.88
N ARG A 546 -6.46 26.26 17.72
CA ARG A 546 -5.50 26.54 16.67
C ARG A 546 -5.96 27.55 15.63
N VAL A 547 -5.00 28.01 14.84
CA VAL A 547 -5.26 28.98 13.79
C VAL A 547 -4.45 28.56 12.55
N GLU A 561 2.57 28.66 12.19
CA GLU A 561 3.64 27.87 12.77
C GLU A 561 3.91 28.28 14.22
N GLN A 562 3.54 27.39 15.12
CA GLN A 562 3.69 27.61 16.54
C GLN A 562 3.18 26.25 17.01
N ILE A 563 3.52 25.85 18.22
CA ILE A 563 3.03 24.57 18.69
C ILE A 563 1.80 24.85 19.56
N PRO A 564 0.61 24.44 19.08
CA PRO A 564 -0.61 24.68 19.87
C PRO A 564 -0.48 24.10 21.27
N GLU A 565 -1.25 24.64 22.21
CA GLU A 565 -1.20 24.19 23.58
C GLU A 565 -2.08 22.96 23.81
N LEU A 566 -1.57 22.00 24.58
CA LEU A 566 -2.31 20.78 24.87
C LEU A 566 -3.68 21.14 25.37
N PRO A 567 -4.66 20.27 25.11
CA PRO A 567 -5.98 20.62 25.59
C PRO A 567 -5.99 20.70 27.10
N ASP A 568 -6.94 21.46 27.64
CA ASP A 568 -7.08 21.60 29.07
C ASP A 568 -7.48 20.20 29.55
N PRO A 569 -6.72 19.61 30.48
CA PRO A 569 -7.08 18.27 30.95
C PRO A 569 -8.53 18.13 31.45
N SER A 570 -9.22 19.27 31.53
CA SER A 570 -10.61 19.29 31.95
C SER A 570 -11.47 18.56 30.91
N LEU A 571 -11.39 19.01 29.65
CA LEU A 571 -12.13 18.45 28.52
C LEU A 571 -12.16 16.92 28.53
N GLU A 572 -13.14 16.34 27.88
CA GLU A 572 -13.17 14.88 27.80
C GLU A 572 -12.54 14.46 26.47
N MET A 573 -12.37 13.16 26.26
CA MET A 573 -11.75 12.61 25.04
C MET A 573 -12.40 13.08 23.77
N GLY A 574 -11.65 13.75 22.92
CA GLY A 574 -12.19 14.20 21.66
C GLY A 574 -12.54 12.98 20.81
N ILE A 575 -13.00 13.20 19.59
CA ILE A 575 -13.35 12.07 18.74
C ILE A 575 -12.15 11.28 18.27
N LEU A 576 -11.16 11.93 17.66
CA LEU A 576 -9.94 11.24 17.18
C LEU A 576 -9.35 10.30 18.23
N PRO A 577 -9.10 10.80 19.45
CA PRO A 577 -8.54 9.97 20.51
C PRO A 577 -9.48 8.83 20.80
N ARG A 578 -10.75 9.16 21.05
CA ARG A 578 -11.74 8.15 21.34
C ARG A 578 -11.69 7.07 20.27
N GLU A 579 -11.40 7.46 19.02
CA GLU A 579 -11.29 6.50 17.92
C GLU A 579 -10.13 5.54 18.18
N ILE A 580 -8.94 6.12 18.36
CA ILE A 580 -7.74 5.34 18.64
C ILE A 580 -7.95 4.39 19.81
N ARG A 581 -8.72 4.83 20.81
CA ARG A 581 -9.03 4.04 21.99
C ARG A 581 -9.79 2.76 21.63
N LYS A 582 -10.77 2.88 20.74
CA LYS A 582 -11.56 1.72 20.32
C LYS A 582 -10.63 0.69 19.70
N LEU A 583 -9.65 1.21 18.96
CA LEU A 583 -8.66 0.39 18.30
C LEU A 583 -7.83 -0.33 19.35
N VAL A 584 -7.28 0.44 20.28
CA VAL A 584 -6.47 -0.13 21.36
C VAL A 584 -7.25 -1.15 22.15
N GLU A 585 -8.53 -0.86 22.40
CA GLU A 585 -9.40 -1.74 23.17
C GLU A 585 -9.79 -3.05 22.47
N ARG A 586 -10.17 -2.94 21.21
CA ARG A 586 -10.57 -4.12 20.46
C ARG A 586 -9.35 -4.99 20.22
N ARG A 587 -8.19 -4.35 20.07
CA ARG A 587 -6.97 -5.11 19.86
C ARG A 587 -6.63 -5.92 21.13
N LYS A 588 -6.74 -5.29 22.29
CA LYS A 588 -6.50 -5.95 23.58
C LYS A 588 -7.39 -7.18 23.66
N GLN A 589 -8.66 -6.99 23.36
CA GLN A 589 -9.64 -8.06 23.38
C GLN A 589 -9.20 -9.27 22.58
N VAL A 590 -8.54 -9.03 21.45
CA VAL A 590 -8.08 -10.09 20.55
C VAL A 590 -6.83 -10.78 21.09
N LYS A 591 -5.77 -10.01 21.34
CA LYS A 591 -4.54 -10.58 21.86
C LYS A 591 -4.82 -11.29 23.18
N GLN A 592 -6.02 -11.06 23.72
CA GLN A 592 -6.44 -11.70 24.96
C GLN A 592 -7.30 -12.94 24.66
N LEU A 593 -7.68 -13.11 23.40
CA LEU A 593 -8.47 -14.27 22.96
C LEU A 593 -7.47 -15.33 22.45
N MET A 594 -6.34 -14.84 21.93
CA MET A 594 -5.26 -15.68 21.40
C MET A 594 -4.63 -16.49 22.54
N LYS A 595 -4.83 -16.04 23.77
CA LYS A 595 -4.28 -16.74 24.94
C LYS A 595 -5.21 -17.86 25.35
N GLN A 596 -6.29 -18.05 24.59
CA GLN A 596 -7.26 -19.08 24.91
C GLN A 596 -6.76 -20.50 24.63
N GLN A 597 -7.37 -21.47 25.33
CA GLN A 597 -7.03 -22.90 25.21
C GLN A 597 -8.25 -23.70 24.79
N ASP A 598 -8.03 -24.77 24.02
CA ASP A 598 -9.13 -25.60 23.52
C ASP A 598 -10.02 -24.72 22.66
N LEU A 599 -9.36 -24.01 21.74
CA LEU A 599 -9.97 -23.08 20.81
C LEU A 599 -9.83 -23.55 19.36
N ASN A 600 -10.70 -23.02 18.52
CA ASN A 600 -10.71 -23.33 17.10
C ASN A 600 -9.32 -22.96 16.57
N PRO A 601 -8.46 -23.97 16.36
CA PRO A 601 -7.09 -23.74 15.87
C PRO A 601 -6.85 -22.62 14.85
N ASP A 602 -7.50 -22.69 13.69
CA ASP A 602 -7.34 -21.71 12.61
C ASP A 602 -7.65 -20.28 13.04
N LEU A 603 -8.54 -20.16 14.02
CA LEU A 603 -8.95 -18.86 14.54
C LEU A 603 -7.73 -18.01 14.84
N ILE A 604 -6.70 -18.66 15.38
CA ILE A 604 -5.46 -17.98 15.75
C ILE A 604 -4.75 -17.26 14.61
N LEU A 605 -4.79 -17.85 13.43
CA LEU A 605 -4.17 -17.20 12.28
C LEU A 605 -4.98 -15.93 12.03
N GLN A 606 -6.30 -16.06 12.16
CA GLN A 606 -7.23 -14.95 11.96
C GLN A 606 -7.00 -13.80 12.94
N TYR A 607 -7.07 -14.11 14.23
CA TYR A 607 -6.88 -13.10 15.26
C TYR A 607 -5.60 -12.31 15.06
N ASP A 608 -4.58 -12.97 14.52
CA ASP A 608 -3.29 -12.32 14.26
C ASP A 608 -3.38 -11.30 13.12
N ILE A 609 -4.30 -11.54 12.19
CA ILE A 609 -4.49 -10.64 11.05
C ILE A 609 -5.20 -9.38 11.52
N ARG A 610 -6.36 -9.56 12.15
CA ARG A 610 -7.14 -8.43 12.64
C ARG A 610 -6.26 -7.53 13.48
N GLN A 611 -5.53 -8.14 14.41
CA GLN A 611 -4.63 -7.44 15.30
C GLN A 611 -3.62 -6.55 14.54
N LYS A 612 -2.98 -7.10 13.50
CA LYS A 612 -2.03 -6.34 12.68
C LYS A 612 -2.79 -5.17 12.02
N ALA A 613 -4.02 -5.45 11.63
CA ALA A 613 -4.86 -4.44 10.99
C ALA A 613 -5.19 -3.34 12.01
N LEU A 614 -5.53 -3.78 13.22
CA LEU A 614 -5.88 -2.87 14.30
C LEU A 614 -4.70 -1.96 14.65
N LYS A 615 -3.50 -2.34 14.22
CA LYS A 615 -2.30 -1.55 14.47
C LYS A 615 -1.92 -0.61 13.30
N LEU A 616 -1.75 -1.17 12.11
CA LEU A 616 -1.40 -0.33 10.97
C LEU A 616 -2.36 0.87 10.95
N THR A 617 -3.66 0.58 11.12
CA THR A 617 -4.71 1.60 11.17
C THR A 617 -4.24 2.75 12.01
N ALA A 618 -4.34 2.52 13.32
CA ALA A 618 -3.95 3.47 14.36
C ALA A 618 -2.67 4.25 14.04
N ASN A 619 -1.58 3.55 13.78
CA ASN A 619 -0.34 4.24 13.48
C ASN A 619 -0.44 5.10 12.22
N SER A 620 -1.42 4.81 11.37
CA SER A 620 -1.61 5.55 10.13
C SER A 620 -2.38 6.86 10.32
N MET A 621 -3.16 6.90 11.40
CA MET A 621 -3.96 8.07 11.71
C MET A 621 -3.10 9.32 11.76
N TYR A 622 -1.98 9.24 12.46
CA TYR A 622 -1.08 10.37 12.59
C TYR A 622 -0.73 10.97 11.26
N GLY A 623 -0.20 10.12 10.39
CA GLY A 623 0.22 10.55 9.07
C GLY A 623 -0.71 11.50 8.33
N CYS A 624 -1.88 10.99 7.98
CA CYS A 624 -2.83 11.79 7.26
C CYS A 624 -3.11 13.14 7.86
N LEU A 625 -2.89 13.27 9.16
CA LEU A 625 -3.11 14.55 9.83
C LEU A 625 -2.20 15.61 9.26
N GLY A 626 -1.05 15.15 8.78
CA GLY A 626 -0.07 16.07 8.24
C GLY A 626 0.04 16.12 6.74
N PHE A 627 -0.70 15.25 6.06
CA PHE A 627 -0.69 15.22 4.61
C PHE A 627 -1.50 16.41 4.10
N SER A 628 -0.83 17.25 3.31
CA SER A 628 -1.42 18.46 2.74
C SER A 628 -2.72 18.29 1.92
N TYR A 629 -2.92 17.14 1.29
CA TYR A 629 -4.12 16.93 0.50
C TYR A 629 -5.19 16.12 1.23
N SER A 630 -4.88 15.60 2.42
CA SER A 630 -5.87 14.82 3.18
C SER A 630 -7.01 15.75 3.56
N ARG A 631 -8.23 15.27 3.40
CA ARG A 631 -9.43 16.06 3.72
C ARG A 631 -9.34 16.67 5.12
N PHE A 632 -8.75 15.90 6.04
CA PHE A 632 -8.59 16.34 7.40
C PHE A 632 -7.21 16.90 7.70
N TYR A 633 -6.74 17.79 6.83
CA TYR A 633 -5.44 18.42 7.03
C TYR A 633 -5.58 19.16 8.35
N ALA A 634 -4.52 19.09 9.14
CA ALA A 634 -4.45 19.72 10.43
C ALA A 634 -2.98 19.64 10.79
N LYS A 635 -2.22 20.63 10.34
CA LYS A 635 -0.80 20.70 10.60
C LYS A 635 -0.54 20.97 12.09
N PRO A 636 -1.19 22.00 12.66
CA PRO A 636 -0.95 22.25 14.08
C PRO A 636 -1.03 21.00 14.97
N LEU A 637 -1.88 20.04 14.64
CA LEU A 637 -1.99 18.85 15.49
C LEU A 637 -0.82 17.92 15.25
N ALA A 638 -0.51 17.64 13.99
CA ALA A 638 0.59 16.77 13.67
C ALA A 638 1.83 17.27 14.37
N ALA A 639 1.94 18.59 14.47
CA ALA A 639 3.10 19.21 15.12
C ALA A 639 3.06 18.91 16.59
N LEU A 640 1.95 19.23 17.25
CA LEU A 640 1.80 18.96 18.68
C LEU A 640 2.13 17.49 19.00
N VAL A 641 1.68 16.57 18.15
CA VAL A 641 1.94 15.14 18.35
C VAL A 641 3.45 14.78 18.33
N THR A 642 4.20 15.38 17.42
CA THR A 642 5.63 15.09 17.39
C THR A 642 6.34 15.99 18.41
N TYR A 643 5.71 17.11 18.79
CA TYR A 643 6.34 17.97 19.76
C TYR A 643 6.45 17.21 21.06
N LYS A 644 5.38 16.54 21.45
CA LYS A 644 5.38 15.78 22.68
C LYS A 644 6.30 14.59 22.58
N GLY A 645 6.25 13.89 21.45
CA GLY A 645 7.12 12.75 21.25
C GLY A 645 8.59 13.11 21.48
N ARG A 646 9.05 14.23 20.91
CA ARG A 646 10.42 14.68 21.09
C ARG A 646 10.69 14.80 22.60
N GLU A 647 9.81 15.56 23.25
CA GLU A 647 9.84 15.79 24.69
C GLU A 647 9.90 14.45 25.48
N ILE A 648 8.97 13.54 25.17
CA ILE A 648 8.89 12.25 25.81
C ILE A 648 10.15 11.43 25.63
N LEU A 649 10.80 11.55 24.48
CA LEU A 649 12.00 10.77 24.25
C LEU A 649 13.18 11.34 24.98
N MET A 650 13.21 12.66 25.11
CA MET A 650 14.32 13.34 25.79
C MET A 650 14.35 12.93 27.26
N HIS A 651 13.24 13.13 27.95
CA HIS A 651 13.15 12.78 29.35
C HIS A 651 13.54 11.35 29.58
N THR A 652 12.97 10.45 28.78
CA THR A 652 13.27 9.03 28.90
C THR A 652 14.79 8.83 28.95
N LYS A 653 15.52 9.59 28.14
CA LYS A 653 16.98 9.50 28.10
C LYS A 653 17.57 10.08 29.39
N GLU A 654 17.11 11.28 29.76
CA GLU A 654 17.59 11.94 30.98
C GLU A 654 17.39 11.04 32.17
N MET A 655 16.26 10.34 32.18
CA MET A 655 15.93 9.45 33.26
C MET A 655 16.89 8.27 33.29
N VAL A 656 16.90 7.51 32.21
CA VAL A 656 17.76 6.34 32.06
C VAL A 656 19.20 6.70 32.39
N GLN A 657 19.52 7.99 32.35
CA GLN A 657 20.87 8.42 32.69
C GLN A 657 20.95 8.72 34.19
N LYS A 658 19.91 9.32 34.74
CA LYS A 658 19.91 9.57 36.15
C LYS A 658 19.90 8.22 36.87
N MET A 659 19.78 7.15 36.10
CA MET A 659 19.77 5.79 36.63
C MET A 659 21.13 5.16 36.43
N ASN A 660 22.15 6.00 36.30
CA ASN A 660 23.52 5.53 36.12
C ASN A 660 23.64 4.47 35.01
N LEU A 661 23.01 4.73 33.86
CA LEU A 661 23.08 3.84 32.70
C LEU A 661 23.35 4.80 31.55
N GLU A 662 24.25 4.45 30.66
CA GLU A 662 24.59 5.33 29.54
C GLU A 662 23.74 5.09 28.29
N VAL A 663 23.07 6.13 27.82
CA VAL A 663 22.23 6.02 26.63
C VAL A 663 23.12 6.30 25.42
N ILE A 664 23.23 5.31 24.53
CA ILE A 664 24.10 5.45 23.39
C ILE A 664 23.46 5.82 22.07
N TYR A 665 22.13 5.71 21.99
CA TYR A 665 21.42 6.04 20.76
C TYR A 665 19.93 6.09 20.96
N GLY A 666 19.24 6.93 20.20
CA GLY A 666 17.79 7.03 20.34
C GLY A 666 17.17 7.57 19.08
N ASP A 667 16.22 6.84 18.51
CA ASP A 667 15.60 7.27 17.25
C ASP A 667 14.08 7.47 17.23
N THR A 668 13.66 8.68 17.60
CA THR A 668 12.23 9.09 17.60
C THR A 668 11.47 8.68 18.83
N ASP A 669 11.56 7.38 19.13
CA ASP A 669 10.85 6.78 20.24
C ASP A 669 11.59 5.55 20.80
N SER A 670 12.83 5.32 20.39
CA SER A 670 13.57 4.18 20.90
C SER A 670 14.76 4.59 21.75
N ILE A 671 15.33 3.61 22.45
CA ILE A 671 16.45 3.82 23.34
C ILE A 671 17.38 2.62 23.35
N MET A 672 18.64 2.90 23.10
CA MET A 672 19.71 1.92 23.09
C MET A 672 20.47 2.20 24.40
N ILE A 673 20.57 1.18 25.26
CA ILE A 673 21.26 1.32 26.54
C ILE A 673 22.44 0.38 26.65
N ASN A 674 23.52 0.88 27.23
CA ASN A 674 24.68 0.03 27.40
C ASN A 674 24.63 -0.47 28.81
N THR A 675 24.33 -1.74 28.97
CA THR A 675 24.24 -2.35 30.30
C THR A 675 25.62 -2.63 30.87
N ASN A 676 26.60 -2.73 29.97
CA ASN A 676 27.95 -3.04 30.38
C ASN A 676 27.98 -4.41 31.04
N SER A 677 26.84 -5.09 31.08
CA SER A 677 26.78 -6.43 31.65
C SER A 677 26.93 -7.45 30.55
N THR A 678 27.54 -8.57 30.89
CA THR A 678 27.75 -9.64 29.93
C THR A 678 26.90 -10.79 30.42
N ASN A 679 26.16 -10.52 31.49
CA ASN A 679 25.29 -11.49 32.14
C ASN A 679 23.87 -11.34 31.65
N LEU A 680 23.47 -12.11 30.65
CA LEU A 680 22.12 -11.95 30.15
C LEU A 680 21.02 -11.78 31.22
N GLU A 681 20.82 -12.78 32.09
CA GLU A 681 19.78 -12.69 33.12
C GLU A 681 19.74 -11.33 33.78
N GLU A 682 20.93 -10.77 34.01
CA GLU A 682 21.05 -9.48 34.66
C GLU A 682 20.52 -8.34 33.80
N VAL A 683 20.66 -8.48 32.48
CA VAL A 683 20.18 -7.48 31.54
C VAL A 683 18.67 -7.35 31.65
N PHE A 684 17.99 -8.43 31.27
CA PHE A 684 16.53 -8.48 31.30
C PHE A 684 15.90 -7.91 32.57
N LYS A 685 16.60 -8.02 33.70
CA LYS A 685 16.05 -7.51 34.94
C LYS A 685 16.27 -6.02 34.94
N LEU A 686 17.45 -5.63 34.50
CA LEU A 686 17.76 -4.22 34.41
C LEU A 686 16.72 -3.68 33.44
N GLY A 687 16.37 -4.52 32.47
CA GLY A 687 15.39 -4.18 31.47
C GLY A 687 14.01 -3.95 32.06
N ASN A 688 13.38 -5.00 32.58
CA ASN A 688 12.05 -4.90 33.17
C ASN A 688 12.02 -3.80 34.21
N LYS A 689 13.21 -3.39 34.63
CA LYS A 689 13.35 -2.35 35.63
C LYS A 689 13.10 -0.99 35.02
N VAL A 690 13.91 -0.64 34.02
CA VAL A 690 13.76 0.65 33.37
C VAL A 690 12.33 0.81 32.88
N LYS A 691 11.78 -0.25 32.28
CA LYS A 691 10.41 -0.22 31.79
C LYS A 691 9.49 0.36 32.85
N SER A 692 9.35 -0.43 33.91
CA SER A 692 8.51 -0.14 35.06
C SER A 692 8.73 1.25 35.66
N GLU A 693 9.95 1.74 35.58
CA GLU A 693 10.24 3.06 36.13
C GLU A 693 9.67 4.11 35.20
N VAL A 694 9.60 3.79 33.91
CA VAL A 694 9.10 4.73 32.91
C VAL A 694 7.59 4.67 32.79
N ASN A 695 7.07 3.50 32.40
CA ASN A 695 5.64 3.31 32.24
C ASN A 695 4.94 4.04 33.36
N LYS A 696 5.49 3.82 34.54
CA LYS A 696 5.03 4.42 35.79
C LYS A 696 4.65 5.87 35.61
N LEU A 697 5.20 6.52 34.59
CA LEU A 697 4.95 7.93 34.36
C LEU A 697 3.71 8.34 33.57
N TYR A 698 3.09 7.42 32.83
CA TYR A 698 1.95 7.78 31.99
C TYR A 698 0.67 6.98 32.25
N LYS A 699 -0.46 7.50 31.76
CA LYS A 699 -1.73 6.81 31.91
C LYS A 699 -1.82 5.68 30.88
N LEU A 700 -1.38 5.96 29.65
CA LEU A 700 -1.44 4.98 28.56
C LEU A 700 -0.13 4.66 27.89
N LEU A 701 0.79 5.63 27.85
CA LEU A 701 2.10 5.43 27.20
C LEU A 701 2.80 4.26 27.82
N GLU A 702 3.48 3.45 27.02
CA GLU A 702 4.13 2.26 27.56
C GLU A 702 5.35 1.84 26.83
N ILE A 703 6.51 1.88 27.48
CA ILE A 703 7.73 1.45 26.81
C ILE A 703 7.96 -0.04 26.98
N ASP A 704 8.88 -0.57 26.19
CA ASP A 704 9.15 -2.00 26.24
C ASP A 704 10.51 -2.49 25.78
N ILE A 705 10.85 -3.67 26.25
CA ILE A 705 12.11 -4.29 25.89
C ILE A 705 11.97 -4.74 24.46
N ASP A 706 12.25 -3.90 23.48
CA ASP A 706 12.10 -4.38 22.12
C ASP A 706 13.16 -5.47 21.84
N GLY A 707 14.30 -5.45 22.55
CA GLY A 707 15.31 -6.49 22.33
C GLY A 707 16.65 -6.29 23.00
N VAL A 708 17.60 -7.20 22.75
CA VAL A 708 18.94 -7.12 23.33
C VAL A 708 20.02 -7.62 22.35
N PHE A 709 21.07 -6.81 22.16
CA PHE A 709 22.18 -7.11 21.22
C PHE A 709 23.43 -7.75 21.84
N LYS A 710 23.92 -8.82 21.23
CA LYS A 710 25.12 -9.44 21.78
C LYS A 710 26.31 -8.50 21.62
N SER A 711 26.32 -7.75 20.51
CA SER A 711 27.38 -6.77 20.17
C SER A 711 26.76 -5.75 19.23
N LEU A 712 27.31 -4.53 19.26
CA LEU A 712 26.79 -3.43 18.44
C LEU A 712 27.84 -2.55 17.77
N LEU A 713 27.72 -2.40 16.45
CA LEU A 713 28.60 -1.50 15.70
C LEU A 713 27.74 -0.24 15.39
N LEU A 714 27.95 0.85 16.10
CA LEU A 714 27.16 2.05 15.88
C LEU A 714 27.92 3.16 15.11
N LEU A 715 27.78 3.16 13.79
CA LEU A 715 28.46 4.13 12.94
C LEU A 715 28.02 5.56 13.06
N LYS A 716 26.76 5.81 12.72
CA LYS A 716 26.24 7.17 12.74
C LYS A 716 24.78 7.09 12.96
N LYS A 717 24.12 8.24 12.89
CA LYS A 717 22.69 8.22 13.02
C LYS A 717 22.08 7.29 11.95
N LYS A 718 21.04 6.57 12.33
CA LYS A 718 20.36 5.67 11.43
C LYS A 718 21.17 4.61 10.74
N LYS A 719 22.44 4.46 11.11
CA LYS A 719 23.30 3.44 10.48
C LYS A 719 24.01 2.58 11.54
N TYR A 720 23.85 1.27 11.45
CA TYR A 720 24.49 0.39 12.43
C TYR A 720 24.23 -1.08 12.23
N ALA A 721 25.15 -1.92 12.66
CA ALA A 721 25.02 -3.37 12.57
C ALA A 721 24.71 -3.88 13.98
N ALA A 722 24.52 -5.20 14.15
CA ALA A 722 24.20 -5.76 15.47
C ALA A 722 23.85 -7.24 15.46
N LEU A 723 24.36 -7.97 16.45
CA LEU A 723 23.98 -9.36 16.58
C LEU A 723 22.78 -9.27 17.52
N VAL A 724 21.70 -9.94 17.16
CA VAL A 724 20.51 -9.87 17.96
C VAL A 724 20.33 -11.12 18.76
N VAL A 725 19.81 -10.94 19.97
CA VAL A 725 19.58 -12.03 20.88
C VAL A 725 18.20 -12.63 20.74
N GLU A 726 18.21 -13.92 20.44
CA GLU A 726 16.99 -14.67 20.27
C GLU A 726 17.07 -15.88 21.17
N PRO A 727 16.58 -15.74 22.41
CA PRO A 727 16.58 -16.81 23.42
C PRO A 727 15.87 -18.03 22.85
N THR A 728 16.22 -19.22 23.34
CA THR A 728 15.62 -20.45 22.83
C THR A 728 15.17 -21.35 23.97
N SER A 729 15.94 -22.41 24.22
CA SER A 729 15.63 -23.29 25.33
C SER A 729 16.36 -22.56 26.46
N ASP A 730 15.64 -22.30 27.53
CA ASP A 730 16.18 -21.56 28.66
C ASP A 730 17.66 -21.75 28.99
N GLY A 731 18.21 -20.69 29.57
CA GLY A 731 19.61 -20.68 29.95
C GLY A 731 20.46 -20.38 28.74
N ASN A 732 19.86 -20.38 27.55
CA ASN A 732 20.61 -20.13 26.32
C ASN A 732 19.87 -19.38 25.22
N TYR A 733 20.65 -18.88 24.27
CA TYR A 733 20.14 -18.14 23.11
C TYR A 733 21.00 -18.30 21.84
N VAL A 734 20.49 -17.77 20.75
CA VAL A 734 21.20 -17.79 19.48
C VAL A 734 21.18 -16.37 18.93
N THR A 735 22.16 -16.08 18.07
CA THR A 735 22.35 -14.76 17.50
C THR A 735 22.05 -14.63 15.99
N LYS A 736 21.44 -13.51 15.60
CA LYS A 736 21.10 -13.22 14.19
C LYS A 736 21.53 -11.78 13.86
N GLN A 737 22.17 -11.56 12.71
CA GLN A 737 22.66 -10.22 12.36
C GLN A 737 21.62 -9.27 11.75
N GLU A 738 21.48 -8.07 12.32
CA GLU A 738 20.53 -7.06 11.82
C GLU A 738 21.26 -5.79 11.37
N LEU A 739 21.09 -5.41 10.09
CA LEU A 739 21.74 -4.21 9.55
C LEU A 739 20.77 -3.06 9.34
N LYS A 740 21.20 -1.84 9.65
CA LYS A 740 20.35 -0.67 9.49
C LYS A 740 21.08 0.49 8.85
N GLY A 741 20.52 0.99 7.76
CA GLY A 741 21.10 2.14 7.07
C GLY A 741 22.46 1.97 6.41
N LEU A 742 23.08 0.81 6.59
CA LEU A 742 24.38 0.57 5.99
C LEU A 742 24.30 0.60 4.47
N ASP A 743 25.34 1.16 3.86
CA ASP A 743 25.42 1.21 2.42
C ASP A 743 25.20 -0.24 1.99
N ILE A 744 25.69 -1.18 2.80
CA ILE A 744 25.52 -2.60 2.49
C ILE A 744 24.06 -3.02 2.24
N VAL A 745 23.10 -2.24 2.74
CA VAL A 745 21.67 -2.57 2.57
C VAL A 745 21.09 -1.97 1.30
N ARG A 746 21.55 -0.78 0.96
CA ARG A 746 21.09 -0.04 -0.21
C ARG A 746 21.28 -0.73 -1.55
N ARG A 747 20.60 -0.18 -2.55
CA ARG A 747 20.66 -0.74 -3.91
C ARG A 747 21.75 -0.16 -4.77
N ASP A 748 22.06 1.11 -4.55
CA ASP A 748 23.09 1.79 -5.32
C ASP A 748 24.53 1.46 -4.93
N TRP A 749 24.88 0.19 -5.01
CA TRP A 749 26.24 -0.30 -4.74
C TRP A 749 26.35 -1.67 -5.38
N CYS A 750 27.52 -2.00 -5.89
CA CYS A 750 27.64 -3.31 -6.51
C CYS A 750 27.80 -4.42 -5.49
N ASP A 751 27.26 -5.60 -5.81
CA ASP A 751 27.37 -6.73 -4.91
C ASP A 751 28.79 -6.77 -4.40
N LEU A 752 29.74 -7.04 -5.29
CA LEU A 752 31.16 -7.11 -4.91
C LEU A 752 31.49 -6.25 -3.69
N ALA A 753 30.94 -5.04 -3.65
CA ALA A 753 31.20 -4.16 -2.53
C ALA A 753 30.31 -4.57 -1.35
N LYS A 754 29.00 -4.63 -1.57
CA LYS A 754 28.09 -5.01 -0.50
C LYS A 754 28.58 -6.31 0.13
N ASP A 755 28.84 -7.34 -0.67
CA ASP A 755 29.35 -8.59 -0.10
C ASP A 755 30.54 -8.25 0.76
N THR A 756 31.61 -7.79 0.11
CA THR A 756 32.81 -7.43 0.84
C THR A 756 32.47 -6.67 2.12
N GLY A 757 31.63 -5.65 2.01
CA GLY A 757 31.26 -4.88 3.19
C GLY A 757 30.67 -5.82 4.22
N ASN A 758 29.70 -6.61 3.76
CA ASN A 758 29.00 -7.56 4.60
C ASN A 758 29.94 -8.38 5.43
N PHE A 759 30.84 -9.10 4.78
CA PHE A 759 31.83 -9.89 5.49
C PHE A 759 32.52 -9.07 6.56
N VAL A 760 33.11 -7.93 6.20
CA VAL A 760 33.77 -7.17 7.25
C VAL A 760 32.86 -6.95 8.47
N ILE A 761 31.62 -6.54 8.27
CA ILE A 761 30.71 -6.36 9.43
C ILE A 761 30.64 -7.69 10.22
N GLY A 762 30.50 -8.78 9.48
CA GLY A 762 30.37 -10.08 10.10
C GLY A 762 31.51 -10.40 11.05
N GLN A 763 32.73 -10.04 10.65
CA GLN A 763 33.91 -10.30 11.46
C GLN A 763 34.04 -9.36 12.63
N ILE A 764 33.43 -8.20 12.53
CA ILE A 764 33.51 -7.25 13.61
C ILE A 764 32.65 -7.67 14.78
N LEU A 765 31.34 -7.78 14.57
CA LEU A 765 30.42 -8.22 15.61
C LEU A 765 30.86 -9.61 16.09
N SER A 766 31.75 -10.25 15.35
CA SER A 766 32.26 -11.58 15.69
C SER A 766 32.80 -11.72 17.12
N ASP A 767 33.04 -12.97 17.51
CA ASP A 767 33.59 -13.37 18.83
C ASP A 767 35.08 -13.09 18.88
N GLN A 768 35.79 -13.68 17.93
CA GLN A 768 37.24 -13.55 17.77
C GLN A 768 37.86 -12.29 18.33
N SER A 769 39.15 -12.36 18.61
CA SER A 769 39.93 -11.25 19.16
C SER A 769 40.02 -10.08 18.18
N ARG A 770 40.46 -8.92 18.66
CA ARG A 770 40.60 -7.74 17.82
C ARG A 770 41.67 -7.98 16.76
N ASP A 771 42.78 -8.59 17.16
CA ASP A 771 43.83 -8.85 16.20
C ASP A 771 43.41 -9.95 15.22
N THR A 772 42.64 -10.94 15.69
CA THR A 772 42.19 -12.00 14.79
C THR A 772 41.29 -11.42 13.71
N ILE A 773 40.55 -10.37 14.06
CA ILE A 773 39.62 -9.73 13.12
C ILE A 773 40.34 -8.87 12.12
N VAL A 774 41.11 -7.90 12.59
CA VAL A 774 41.84 -7.03 11.70
C VAL A 774 42.52 -7.88 10.65
N GLU A 775 43.16 -8.96 11.08
CA GLU A 775 43.84 -9.88 10.17
C GLU A 775 42.87 -10.44 9.14
N ASN A 776 41.78 -11.01 9.61
CA ASN A 776 40.77 -11.58 8.72
C ASN A 776 40.34 -10.59 7.66
N ILE A 777 40.12 -9.35 8.08
CA ILE A 777 39.71 -8.27 7.19
C ILE A 777 40.80 -7.94 6.14
N GLN A 778 42.05 -7.82 6.59
CA GLN A 778 43.18 -7.56 5.68
C GLN A 778 43.32 -8.74 4.71
N LYS A 779 43.43 -9.92 5.28
CA LYS A 779 43.53 -11.14 4.49
C LYS A 779 42.53 -11.11 3.34
N ARG A 780 41.25 -10.98 3.64
CA ARG A 780 40.22 -11.01 2.61
C ARG A 780 40.21 -9.86 1.61
N LEU A 781 40.29 -8.62 2.09
CA LEU A 781 40.30 -7.46 1.18
C LEU A 781 41.36 -7.76 0.13
N ILE A 782 42.61 -7.93 0.58
CA ILE A 782 43.74 -8.25 -0.29
C ILE A 782 43.25 -9.17 -1.39
N GLU A 783 42.77 -10.32 -0.98
CA GLU A 783 42.24 -11.32 -1.89
C GLU A 783 41.16 -10.81 -2.83
N ILE A 784 40.30 -9.93 -2.35
CA ILE A 784 39.24 -9.40 -3.21
C ILE A 784 39.84 -8.55 -4.32
N GLY A 785 40.89 -7.81 -3.99
CA GLY A 785 41.53 -6.96 -4.97
C GLY A 785 42.03 -7.79 -6.11
N GLU A 786 43.00 -8.65 -5.78
CA GLU A 786 43.65 -9.54 -6.71
C GLU A 786 42.63 -10.32 -7.57
N ASN A 787 41.50 -10.71 -7.00
CA ASN A 787 40.49 -11.44 -7.76
C ASN A 787 39.67 -10.53 -8.70
N VAL A 788 39.80 -9.22 -8.53
CA VAL A 788 39.10 -8.28 -9.42
C VAL A 788 40.04 -7.97 -10.58
N LEU A 789 41.35 -8.08 -10.31
CA LEU A 789 42.38 -7.83 -11.31
C LEU A 789 42.55 -9.02 -12.24
N ASN A 790 42.35 -10.24 -11.74
CA ASN A 790 42.47 -11.41 -12.60
C ASN A 790 41.08 -11.77 -13.13
N GLY A 791 40.21 -10.78 -13.21
CA GLY A 791 38.86 -10.97 -13.70
C GLY A 791 38.24 -12.31 -13.33
N SER A 792 38.19 -12.61 -12.04
CA SER A 792 37.60 -13.87 -11.60
C SER A 792 36.24 -13.53 -10.99
N VAL A 793 36.01 -12.24 -10.77
CA VAL A 793 34.76 -11.80 -10.18
C VAL A 793 33.67 -11.76 -11.22
N PRO A 794 32.67 -12.65 -11.09
CA PRO A 794 31.58 -12.64 -12.07
C PRO A 794 31.05 -11.22 -12.27
N VAL A 795 31.14 -10.74 -13.52
CA VAL A 795 30.70 -9.39 -13.88
C VAL A 795 29.39 -9.05 -13.16
N SER A 796 28.70 -10.09 -12.69
CA SER A 796 27.46 -9.92 -11.96
C SER A 796 27.60 -8.82 -10.93
N GLN A 797 28.54 -9.05 -10.03
CA GLN A 797 28.84 -8.14 -8.93
C GLN A 797 29.00 -6.68 -9.35
N PHE A 798 29.99 -6.42 -10.21
CA PHE A 798 30.28 -5.05 -10.70
C PHE A 798 28.99 -4.37 -11.19
N GLU A 799 28.12 -5.16 -11.81
CA GLU A 799 26.88 -4.60 -12.30
C GLU A 799 26.26 -3.73 -11.22
N ILE A 800 26.33 -2.42 -11.41
CA ILE A 800 25.76 -1.44 -10.48
C ILE A 800 24.33 -1.24 -10.96
N ASN A 801 23.39 -1.02 -10.05
CA ASN A 801 22.01 -0.81 -10.49
C ASN A 801 21.39 0.47 -9.95
N LYS A 802 20.50 1.07 -10.73
CA LYS A 802 19.81 2.32 -10.38
C LYS A 802 18.49 2.41 -11.12
N ALA A 803 17.61 3.31 -10.68
CA ALA A 803 16.30 3.50 -11.31
C ALA A 803 16.21 4.92 -11.90
N LEU A 804 15.37 5.08 -12.93
CA LEU A 804 15.18 6.40 -13.57
C LEU A 804 13.87 7.06 -13.15
N THR A 805 13.95 8.21 -12.47
CA THR A 805 12.76 8.94 -12.00
C THR A 805 12.00 9.58 -13.16
N LYS A 806 12.67 9.67 -14.31
CA LYS A 806 12.08 10.24 -15.52
C LYS A 806 12.51 9.32 -16.67
N ASP A 807 11.99 9.57 -17.87
CA ASP A 807 12.39 8.75 -19.03
C ASP A 807 13.79 9.22 -19.45
N PRO A 808 14.67 8.30 -19.89
CA PRO A 808 16.03 8.67 -20.30
C PRO A 808 16.16 9.95 -21.16
N GLN A 809 15.09 10.31 -21.86
CA GLN A 809 15.11 11.51 -22.68
C GLN A 809 14.83 12.78 -21.87
N ASP A 810 14.25 12.62 -20.68
CA ASP A 810 13.89 13.73 -19.79
C ASP A 810 15.08 14.45 -19.13
N TYR A 811 16.30 13.90 -19.27
CA TYR A 811 17.47 14.51 -18.63
C TYR A 811 18.24 15.52 -19.47
N PRO A 812 18.50 16.70 -18.91
CA PRO A 812 19.26 17.74 -19.63
C PRO A 812 20.76 17.44 -19.54
N ASP A 813 21.24 17.20 -18.33
CA ASP A 813 22.66 16.90 -18.07
C ASP A 813 22.89 15.38 -18.09
N LYS A 814 22.31 14.73 -19.09
CA LYS A 814 22.36 13.27 -19.29
C LYS A 814 23.73 12.57 -19.40
N LYS A 815 24.62 13.09 -20.24
CA LYS A 815 25.94 12.51 -20.48
C LYS A 815 26.70 11.90 -19.27
N SER A 816 26.84 12.65 -18.18
CA SER A 816 27.57 12.15 -17.02
C SER A 816 26.79 11.25 -16.05
N LEU A 817 25.53 10.94 -16.39
CA LEU A 817 24.69 10.05 -15.58
C LEU A 817 24.66 8.67 -16.25
N PRO A 818 25.65 7.81 -15.90
CA PRO A 818 25.80 6.46 -16.44
C PRO A 818 24.59 5.55 -16.54
N HIS A 819 23.64 5.66 -15.60
CA HIS A 819 22.44 4.81 -15.65
C HIS A 819 21.41 5.31 -16.67
N VAL A 820 21.41 6.62 -16.92
CA VAL A 820 20.52 7.25 -17.89
C VAL A 820 21.12 7.13 -19.28
N HIS A 821 22.42 7.36 -19.36
CA HIS A 821 23.22 7.29 -20.59
C HIS A 821 23.28 5.85 -21.15
N VAL A 822 23.40 4.86 -20.27
CA VAL A 822 23.44 3.46 -20.71
C VAL A 822 22.04 3.09 -21.20
N ALA A 823 21.03 3.80 -20.69
CA ALA A 823 19.62 3.57 -21.04
C ALA A 823 19.27 4.10 -22.44
N LEU A 824 19.81 5.27 -22.79
CA LEU A 824 19.58 5.87 -24.09
C LEU A 824 20.13 4.90 -25.14
N TRP A 825 21.20 4.20 -24.78
CA TRP A 825 21.78 3.21 -25.68
C TRP A 825 20.71 2.16 -25.91
N ILE A 826 20.42 1.39 -24.87
CA ILE A 826 19.42 0.34 -24.95
C ILE A 826 18.17 0.80 -25.71
N ASN A 827 17.52 1.87 -25.23
CA ASN A 827 16.32 2.43 -25.87
C ASN A 827 16.51 2.64 -27.36
N SER A 828 17.61 3.31 -27.72
CA SER A 828 17.97 3.64 -29.10
C SER A 828 18.82 2.59 -29.80
N GLN A 829 18.76 1.34 -29.35
CA GLN A 829 19.53 0.28 -29.96
C GLN A 829 18.64 -0.94 -30.31
N GLY A 830 18.01 -1.53 -29.29
CA GLY A 830 17.15 -2.68 -29.54
C GLY A 830 15.66 -2.44 -29.47
N GLY A 831 14.91 -3.49 -29.13
CA GLY A 831 13.47 -3.40 -29.05
C GLY A 831 12.95 -2.67 -27.81
N ARG A 832 12.74 -3.41 -26.72
CA ARG A 832 12.23 -2.83 -25.48
C ARG A 832 12.82 -1.45 -25.21
N LYS A 833 12.10 -0.61 -24.47
CA LYS A 833 12.57 0.73 -24.18
C LYS A 833 12.40 1.18 -22.73
N VAL A 834 13.53 1.46 -22.09
CA VAL A 834 13.60 1.91 -20.70
C VAL A 834 12.87 3.24 -20.50
N LYS A 835 11.99 3.28 -19.49
CA LYS A 835 11.24 4.49 -19.17
C LYS A 835 11.19 4.71 -17.66
N ALA A 836 10.69 5.87 -17.25
CA ALA A 836 10.61 6.23 -15.84
C ALA A 836 10.10 5.11 -14.94
N GLY A 837 10.83 4.89 -13.84
CA GLY A 837 10.47 3.85 -12.88
C GLY A 837 11.31 2.58 -13.02
N ASP A 838 12.02 2.46 -14.14
CA ASP A 838 12.84 1.28 -14.42
C ASP A 838 14.31 1.39 -13.98
N THR A 839 14.92 0.23 -13.74
CA THR A 839 16.30 0.16 -13.30
C THR A 839 17.20 -0.33 -14.43
N VAL A 840 18.35 0.31 -14.60
CA VAL A 840 19.31 -0.05 -15.65
C VAL A 840 20.62 -0.58 -15.07
N SER A 841 21.10 -1.70 -15.62
CA SER A 841 22.34 -2.33 -15.17
C SER A 841 23.52 -1.94 -16.08
N TYR A 842 24.59 -1.43 -15.46
CA TYR A 842 25.79 -1.00 -16.18
C TYR A 842 27.03 -1.35 -15.39
N VAL A 843 28.19 -0.99 -15.94
CA VAL A 843 29.48 -1.25 -15.32
C VAL A 843 30.51 -0.27 -15.90
N ILE A 844 31.49 0.08 -15.09
CA ILE A 844 32.51 1.01 -15.53
C ILE A 844 33.68 0.25 -16.15
N CYS A 845 34.04 0.67 -17.36
CA CYS A 845 35.14 0.05 -18.12
C CYS A 845 36.16 1.08 -18.61
N GLN A 846 37.19 0.56 -19.26
CA GLN A 846 38.26 1.36 -19.86
C GLN A 846 37.96 1.58 -21.34
N ASP A 847 37.47 2.78 -21.66
CA ASP A 847 37.13 3.12 -23.04
C ASP A 847 38.38 3.19 -23.89
N GLY A 848 39.34 3.96 -23.39
CA GLY A 848 40.57 4.20 -24.10
C GLY A 848 40.25 5.59 -24.60
N SER A 849 39.39 6.25 -23.83
CA SER A 849 38.90 7.60 -24.13
C SER A 849 39.19 8.58 -22.99
N ASN A 850 40.06 8.19 -22.07
CA ASN A 850 40.40 9.01 -20.90
C ASN A 850 39.31 9.96 -20.40
N LEU A 851 38.05 9.57 -20.59
CA LEU A 851 36.90 10.34 -20.12
C LEU A 851 36.70 9.97 -18.64
N THR A 852 35.87 10.73 -17.92
CA THR A 852 35.62 10.44 -16.51
C THR A 852 34.91 9.09 -16.35
N ALA A 853 35.00 8.53 -15.15
CA ALA A 853 34.37 7.27 -14.84
C ALA A 853 32.88 7.31 -15.19
N SER A 854 32.19 8.38 -14.79
CA SER A 854 30.74 8.55 -15.05
C SER A 854 30.34 8.34 -16.50
N GLN A 855 31.21 8.81 -17.39
CA GLN A 855 30.99 8.74 -18.82
C GLN A 855 31.56 7.47 -19.45
N ARG A 856 31.79 6.44 -18.62
CA ARG A 856 32.32 5.16 -19.09
C ARG A 856 31.47 4.01 -18.57
N ALA A 857 30.17 4.15 -18.79
CA ALA A 857 29.21 3.15 -18.35
C ALA A 857 28.61 2.37 -19.53
N TYR A 858 28.87 1.08 -19.58
CA TYR A 858 28.37 0.21 -20.65
C TYR A 858 27.47 -0.89 -20.16
N ALA A 859 26.47 -1.27 -20.94
CA ALA A 859 25.61 -2.36 -20.53
C ALA A 859 26.57 -3.54 -20.38
N PRO A 860 26.22 -4.53 -19.56
CA PRO A 860 27.05 -5.71 -19.34
C PRO A 860 27.32 -6.40 -20.66
N GLU A 861 26.22 -6.66 -21.35
CA GLU A 861 26.18 -7.28 -22.67
C GLU A 861 27.25 -6.66 -23.55
N GLN A 862 27.25 -5.34 -23.63
CA GLN A 862 28.18 -4.60 -24.47
C GLN A 862 29.64 -4.65 -23.99
N LEU A 863 29.86 -4.97 -22.72
CA LEU A 863 31.22 -5.06 -22.19
C LEU A 863 31.87 -6.34 -22.72
N GLN A 864 31.08 -7.41 -22.67
CA GLN A 864 31.53 -8.73 -23.09
C GLN A 864 31.61 -8.95 -24.60
N LYS A 865 30.62 -8.42 -25.33
CA LYS A 865 30.54 -8.57 -26.79
C LYS A 865 31.54 -7.75 -27.59
N GLN A 866 32.08 -6.70 -26.97
CA GLN A 866 33.08 -5.85 -27.61
C GLN A 866 34.44 -6.24 -27.04
N ASP A 867 35.52 -5.85 -27.71
CA ASP A 867 36.85 -6.22 -27.24
C ASP A 867 37.63 -5.06 -26.64
N ASN A 868 37.30 -3.84 -27.05
CA ASN A 868 37.98 -2.67 -26.54
C ASN A 868 37.61 -2.46 -25.07
N LEU A 869 36.34 -2.74 -24.74
CA LEU A 869 35.83 -2.59 -23.39
C LEU A 869 36.37 -3.60 -22.38
N THR A 870 37.07 -3.09 -21.37
CA THR A 870 37.64 -3.92 -20.31
C THR A 870 37.12 -3.36 -18.97
N ILE A 871 36.84 -4.22 -17.99
CA ILE A 871 36.34 -3.74 -16.69
C ILE A 871 37.31 -2.77 -16.01
N ASP A 872 36.77 -1.72 -15.41
CA ASP A 872 37.55 -0.70 -14.71
C ASP A 872 37.84 -1.16 -13.28
N THR A 873 38.86 -2.01 -13.13
CA THR A 873 39.21 -2.54 -11.81
C THR A 873 39.56 -1.38 -10.88
N GLN A 874 40.23 -0.37 -11.42
CA GLN A 874 40.61 0.78 -10.61
C GLN A 874 39.41 1.51 -9.99
N TYR A 875 38.36 1.69 -10.77
CA TYR A 875 37.18 2.35 -10.27
C TYR A 875 36.62 1.59 -9.09
N TYR A 876 36.20 0.36 -9.34
CA TYR A 876 35.62 -0.49 -8.31
C TYR A 876 36.43 -0.58 -7.02
N LEU A 877 37.72 -0.90 -7.13
CA LEU A 877 38.55 -1.03 -5.94
C LEU A 877 38.58 0.26 -5.14
N ALA A 878 38.27 1.39 -5.76
CA ALA A 878 38.33 2.66 -5.02
C ALA A 878 37.08 3.52 -4.96
N GLN A 879 36.03 3.14 -5.66
CA GLN A 879 34.80 3.93 -5.65
C GLN A 879 33.60 3.14 -5.17
N GLN A 880 33.81 1.85 -4.91
CA GLN A 880 32.75 0.99 -4.42
C GLN A 880 33.18 0.23 -3.16
N ILE A 881 34.31 -0.46 -3.25
CA ILE A 881 34.84 -1.24 -2.13
C ILE A 881 35.53 -0.42 -1.03
N HIS A 882 36.52 0.42 -1.36
CA HIS A 882 37.16 1.20 -0.32
C HIS A 882 36.27 2.28 0.36
N PRO A 883 35.14 2.66 -0.25
CA PRO A 883 34.34 3.69 0.45
C PRO A 883 33.35 3.13 1.47
N VAL A 884 33.01 1.85 1.34
CA VAL A 884 32.07 1.20 2.26
C VAL A 884 32.85 0.56 3.40
N VAL A 885 33.77 -0.32 3.05
CA VAL A 885 34.60 -0.95 4.06
C VAL A 885 35.27 0.10 4.94
N ALA A 886 35.63 1.23 4.34
CA ALA A 886 36.27 2.29 5.08
C ALA A 886 35.38 2.86 6.15
N ARG A 887 34.11 3.11 5.83
CA ARG A 887 33.13 3.68 6.76
C ARG A 887 32.72 2.69 7.85
N ILE A 888 32.63 1.41 7.49
CA ILE A 888 32.28 0.38 8.45
C ILE A 888 33.36 0.35 9.55
N CYS A 889 34.62 0.51 9.16
CA CYS A 889 35.75 0.47 10.08
C CYS A 889 36.15 1.78 10.75
N GLU A 890 35.55 2.88 10.33
CA GLU A 890 35.89 4.16 10.93
C GLU A 890 36.10 4.12 12.46
N PRO A 891 35.24 3.39 13.19
CA PRO A 891 35.42 3.35 14.65
C PRO A 891 36.36 2.27 15.13
N ILE A 892 36.73 1.33 14.26
CA ILE A 892 37.62 0.25 14.68
C ILE A 892 39.10 0.62 14.73
N ASP A 893 39.74 0.29 15.84
CA ASP A 893 41.14 0.56 15.95
C ASP A 893 41.85 -0.58 15.26
N GLY A 894 42.79 -0.24 14.38
CA GLY A 894 43.55 -1.27 13.65
C GLY A 894 43.30 -1.38 12.16
N ILE A 895 42.28 -0.67 11.69
CA ILE A 895 41.87 -0.65 10.27
C ILE A 895 41.50 0.80 9.99
N ASP A 896 41.74 1.26 8.77
CA ASP A 896 41.41 2.66 8.42
C ASP A 896 41.40 2.88 6.92
N ALA A 897 41.23 4.15 6.52
CA ALA A 897 41.21 4.48 5.10
C ALA A 897 42.49 4.04 4.36
N VAL A 898 43.61 4.66 4.70
CA VAL A 898 44.92 4.40 4.08
C VAL A 898 45.33 2.92 4.06
N LEU A 899 45.09 2.21 5.15
CA LEU A 899 45.41 0.80 5.25
C LEU A 899 44.55 -0.03 4.31
N ILE A 900 43.25 0.26 4.31
CA ILE A 900 42.33 -0.47 3.45
C ILE A 900 42.74 -0.34 2.00
N ALA A 901 43.11 0.86 1.58
CA ALA A 901 43.54 1.04 0.20
C ALA A 901 44.75 0.15 -0.05
N THR A 902 45.87 0.42 0.64
CA THR A 902 47.07 -0.40 0.43
C THR A 902 46.69 -1.88 0.28
N TRP A 903 45.80 -2.36 1.12
CA TRP A 903 45.42 -3.77 1.02
C TRP A 903 44.76 -4.04 -0.32
N LEU A 904 43.76 -3.22 -0.67
CA LEU A 904 43.05 -3.42 -1.94
C LEU A 904 44.00 -3.27 -3.13
N GLY A 905 45.25 -2.91 -2.84
CA GLY A 905 46.25 -2.74 -3.87
C GLY A 905 46.23 -1.39 -4.55
N LEU A 906 45.59 -0.42 -3.90
CA LEU A 906 45.52 0.91 -4.44
C LEU A 906 46.71 1.72 -3.97
N ASP A 907 46.89 2.89 -4.57
CA ASP A 907 47.98 3.77 -4.16
C ASP A 907 47.48 4.47 -2.90
N PRO A 908 48.04 4.10 -1.73
CA PRO A 908 47.65 4.70 -0.46
C PRO A 908 48.00 6.15 -0.32
N THR A 909 49.21 6.49 -0.71
CA THR A 909 49.66 7.87 -0.59
C THR A 909 48.55 8.83 -0.97
N GLN A 910 47.70 8.43 -1.90
CA GLN A 910 46.62 9.29 -2.32
C GLN A 910 45.44 9.37 -1.36
N PHE A 911 45.51 8.61 -0.26
CA PHE A 911 44.43 8.57 0.76
C PHE A 911 44.73 9.18 2.13
N ARG A 912 43.69 9.58 2.84
CA ARG A 912 43.88 10.16 4.16
C ARG A 912 43.12 9.44 5.28
N VAL A 913 43.48 9.73 6.53
CA VAL A 913 42.84 9.09 7.69
C VAL A 913 41.72 9.90 8.35
N1 DCP D . 6.42 6.58 12.32
C2 DCP D . 5.78 6.98 11.17
N3 DCP D . 5.83 6.21 10.05
C4 DCP D . 6.47 5.01 10.02
C5 DCP D . 7.15 4.55 11.20
C6 DCP D . 7.09 5.35 12.32
O2 DCP D . 5.19 8.05 11.15
N4 DCP D . 6.49 4.23 8.88
C1' DCP D . 6.38 7.45 13.55
C2' DCP D . 5.07 7.23 14.32
C3' DCP D . 5.44 6.18 15.37
C4' DCP D . 6.88 6.63 15.75
O4' DCP D . 7.45 7.11 14.48
O3' DCP D . 4.55 6.31 16.50
C5' DCP D . 7.77 5.46 16.29
O5' DCP D . 8.12 4.51 15.25
PA DCP D . 7.94 2.92 15.64
O1A DCP D . 8.48 2.67 17.01
O2A DCP D . 8.79 2.04 14.59
O3A DCP D . 6.35 2.50 15.54
PB DCP D . 5.45 2.42 16.95
O1B DCP D . 6.23 3.07 18.21
O2B DCP D . 4.21 3.21 16.74
O3B DCP D . 5.03 0.85 17.28
PG DCP D . 5.93 0.06 18.40
O1G DCP D . 7.33 0.78 18.69
O2G DCP D . 5.10 -0.07 19.75
O3G DCP D . 6.22 -1.31 17.90
MG MG E . 7.71 2.36 19.38
MG MG F . 10.28 3.22 17.51
CO CO G . 19.60 19.34 1.15
CO CO H . 30.75 19.05 -5.69
#